data_9GAO
#
_entry.id   9GAO
#
_cell.length_a   53.507
_cell.length_b   94.862
_cell.length_c   147.952
_cell.angle_alpha   90.000
_cell.angle_beta   90.000
_cell.angle_gamma   90.000
#
_symmetry.space_group_name_H-M   'P 21 21 21'
#
loop_
_entity.id
_entity.type
_entity.pdbx_description
1 polymer 'Protein cereblon'
2 non-polymer 2-[4-[(3~{R})-2,6-bis(oxidanylidene)piperidin-3-yl]phenoxy]-~{N}-methyl-ethanamide
3 non-polymer 'ZINC ION'
4 water water
#
_entity_poly.entity_id   1
_entity_poly.type   'polypeptide(L)'
_entity_poly.pdbx_seq_one_letter_code
;SAKKPNIINFDTSLPTSHTYLGADMEEFHGRTLHDDDSIQVIPVLPQVMMILVPGQTLPLQLFHPQEVSMVRNLIQNDRT
FAVLAYSNVQEREAEFGTTAEIYAYREEQDFGIEIVKVKAIGRQRFKVLELRTQSDGIQQAKVQILPEGSGDAETLMDRI
KKQLREWDENLKDDSLPSNPIDFSYWVAANLPIDDSLRIQLLKIDSAIQRLRCELDIMNKCTSLCCKQCQETEITTKNEI
FSLSREGPMAAYVNPHGYVHEILTVYKACNLNLIGRPSTEHSWFPGYAWTVAQCKICASHIGWKFTATKKDMSPQKFWGL
TRSALIPTI
;
_entity_poly.pdbx_strand_id   A,C
#
loop_
_chem_comp.id
_chem_comp.type
_chem_comp.name
_chem_comp.formula
A1IJM non-polymer 2-[4-[(3~{R})-2,6-bis(oxidanylidene)piperidin-3-yl]phenoxy]-~{N}-methyl-ethanamide 'C14 H16 N2 O4'
ZN non-polymer 'ZINC ION' 'Zn 2'
#
# COMPACT_ATOMS: atom_id res chain seq x y z
N ILE A 8 -19.23 -2.77 31.71
CA ILE A 8 -18.62 -3.13 30.43
C ILE A 8 -19.61 -3.96 29.63
N ASN A 9 -20.41 -3.28 28.81
CA ASN A 9 -21.45 -3.92 27.99
C ASN A 9 -21.07 -3.79 26.52
N PHE A 10 -20.29 -4.74 26.04
CA PHE A 10 -19.90 -4.80 24.64
C PHE A 10 -19.40 -6.21 24.36
N ASP A 11 -19.89 -6.81 23.27
CA ASP A 11 -19.46 -8.16 22.90
C ASP A 11 -18.00 -8.12 22.52
N THR A 12 -17.13 -8.64 23.40
CA THR A 12 -15.70 -8.68 23.14
C THR A 12 -15.28 -9.79 22.18
N SER A 13 -16.25 -10.40 21.49
CA SER A 13 -15.96 -11.37 20.45
C SER A 13 -16.15 -10.81 19.06
N LEU A 14 -16.62 -9.57 18.93
CA LEU A 14 -16.79 -8.94 17.62
C LEU A 14 -15.46 -8.47 17.03
N PRO A 15 -14.56 -7.83 17.80
CA PRO A 15 -13.27 -7.41 17.20
C PRO A 15 -12.51 -8.56 16.56
N THR A 16 -12.47 -9.72 17.22
CA THR A 16 -11.74 -10.87 16.68
C THR A 16 -12.32 -11.35 15.36
N SER A 17 -13.54 -10.95 15.02
CA SER A 17 -14.15 -11.38 13.76
C SER A 17 -13.65 -10.57 12.57
N HIS A 18 -13.16 -9.35 12.79
CA HIS A 18 -12.66 -8.48 11.72
C HIS A 18 -13.72 -8.29 10.65
N THR A 19 -14.94 -7.94 11.08
CA THR A 19 -16.06 -7.88 10.15
C THR A 19 -15.91 -6.74 9.16
N TYR A 20 -15.19 -5.67 9.53
CA TYR A 20 -14.90 -4.60 8.57
C TYR A 20 -14.23 -5.14 7.32
N LEU A 21 -13.43 -6.19 7.46
CA LEU A 21 -12.71 -6.76 6.32
C LEU A 21 -13.64 -7.47 5.34
N GLY A 22 -14.80 -7.93 5.80
CA GLY A 22 -15.74 -8.64 4.95
C GLY A 22 -16.39 -9.76 5.75
N ALA A 23 -17.66 -10.06 5.40
CA ALA A 23 -18.42 -11.06 6.11
C ALA A 23 -18.68 -12.33 5.30
N ASP A 24 -18.31 -12.36 4.02
CA ASP A 24 -18.45 -13.55 3.19
C ASP A 24 -17.14 -14.34 3.10
N MET A 25 -16.37 -14.33 4.18
CA MET A 25 -15.02 -14.87 4.18
C MET A 25 -15.09 -16.41 4.20
N GLU A 26 -14.54 -17.06 3.17
CA GLU A 26 -14.48 -18.51 3.18
C GLU A 26 -13.58 -18.98 4.31
N GLU A 27 -13.99 -20.05 4.99
CA GLU A 27 -13.33 -20.52 6.20
C GLU A 27 -12.67 -21.87 5.96
N PHE A 28 -11.49 -22.05 6.54
CA PHE A 28 -10.73 -23.30 6.46
C PHE A 28 -10.56 -23.86 7.86
N HIS A 29 -10.90 -25.14 8.05
CA HIS A 29 -10.73 -25.81 9.32
C HIS A 29 -9.62 -26.84 9.32
N GLY A 30 -9.03 -27.15 8.17
CA GLY A 30 -7.87 -28.01 8.15
C GLY A 30 -6.70 -27.37 8.88
N ARG A 31 -5.89 -28.22 9.54
CA ARG A 31 -4.79 -27.74 10.36
C ARG A 31 -3.52 -28.50 9.99
N THR A 32 -2.51 -27.76 9.54
CA THR A 32 -1.20 -28.31 9.24
C THR A 32 -0.24 -27.95 10.35
N LEU A 33 0.44 -28.96 10.90
CA LEU A 33 1.40 -28.74 11.98
C LEU A 33 2.64 -29.58 11.68
N HIS A 34 3.81 -28.95 11.73
CA HIS A 34 5.06 -29.62 11.39
C HIS A 34 5.74 -30.17 12.63
N ASP A 35 6.46 -31.27 12.45
CA ASP A 35 7.18 -31.92 13.54
C ASP A 35 8.33 -31.05 14.03
N ASP A 36 8.71 -31.27 15.30
CA ASP A 36 9.87 -30.61 15.86
C ASP A 36 11.11 -30.89 15.01
N ASP A 37 12.01 -29.91 14.97
CA ASP A 37 13.30 -29.98 14.27
C ASP A 37 13.16 -30.28 12.78
N SER A 38 11.95 -30.26 12.24
CA SER A 38 11.77 -30.45 10.81
C SER A 38 12.16 -29.20 10.05
N ILE A 39 12.74 -29.38 8.88
CA ILE A 39 13.21 -28.29 8.04
C ILE A 39 12.21 -28.10 6.90
N GLN A 40 11.72 -26.87 6.73
CA GLN A 40 10.71 -26.58 5.71
C GLN A 40 11.09 -25.34 4.92
N VAL A 41 10.53 -25.27 3.71
CA VAL A 41 10.66 -24.11 2.83
C VAL A 41 9.30 -23.45 2.78
N ILE A 42 9.20 -22.24 3.31
CA ILE A 42 7.93 -21.54 3.45
C ILE A 42 8.05 -20.13 2.85
N PRO A 43 7.09 -19.69 2.05
CA PRO A 43 7.18 -18.33 1.49
C PRO A 43 6.89 -17.27 2.53
N VAL A 44 7.48 -16.09 2.33
CA VAL A 44 7.24 -14.94 3.18
C VAL A 44 6.61 -13.84 2.33
N LEU A 45 5.63 -13.16 2.89
CA LEU A 45 4.98 -12.04 2.21
C LEU A 45 5.83 -10.79 2.33
N PRO A 46 6.13 -10.09 1.23
CA PRO A 46 7.15 -9.03 1.29
C PRO A 46 6.74 -7.79 2.06
N GLN A 47 5.44 -7.51 2.21
CA GLN A 47 5.00 -6.31 2.91
C GLN A 47 4.78 -6.51 4.40
N VAL A 48 4.79 -7.75 4.88
CA VAL A 48 4.50 -8.00 6.29
C VAL A 48 5.70 -7.56 7.14
N MET A 49 5.40 -6.77 8.18
CA MET A 49 6.40 -6.24 9.09
C MET A 49 6.22 -6.74 10.51
N MET A 50 5.08 -7.35 10.83
CA MET A 50 4.71 -7.67 12.19
C MET A 50 5.54 -8.81 12.76
N ILE A 51 5.87 -8.70 14.05
CA ILE A 51 6.33 -9.86 14.81
C ILE A 51 5.10 -10.63 15.27
N LEU A 52 5.06 -11.92 14.92
CA LEU A 52 3.91 -12.77 15.19
C LEU A 52 4.33 -13.89 16.12
N VAL A 53 3.43 -14.29 17.01
CA VAL A 53 3.68 -15.42 17.92
C VAL A 53 2.57 -16.44 17.68
N PRO A 54 2.76 -17.69 18.11
CA PRO A 54 1.67 -18.66 18.07
C PRO A 54 0.43 -18.14 18.78
N GLY A 55 -0.73 -18.34 18.14
CA GLY A 55 -2.01 -17.94 18.71
C GLY A 55 -2.42 -16.52 18.37
N GLN A 56 -1.55 -15.74 17.75
CA GLN A 56 -1.83 -14.35 17.42
C GLN A 56 -2.37 -14.24 16.00
N THR A 57 -3.41 -13.43 15.82
CA THR A 57 -4.05 -13.34 14.51
C THR A 57 -3.49 -12.17 13.71
N LEU A 58 -3.40 -12.37 12.39
CA LEU A 58 -2.80 -11.41 11.48
C LEU A 58 -3.75 -11.22 10.29
N PRO A 59 -4.48 -10.12 10.24
CA PRO A 59 -5.33 -9.82 9.09
C PRO A 59 -4.56 -9.10 8.01
N LEU A 60 -4.94 -9.36 6.75
CA LEU A 60 -4.20 -8.84 5.61
C LEU A 60 -5.12 -8.51 4.45
N GLN A 61 -4.71 -7.51 3.67
CA GLN A 61 -5.39 -7.13 2.44
C GLN A 61 -4.30 -6.86 1.40
N LEU A 62 -4.24 -7.68 0.36
CA LEU A 62 -3.12 -7.71 -0.57
C LEU A 62 -3.63 -7.43 -1.98
N PHE A 63 -2.93 -6.55 -2.71
CA PHE A 63 -3.32 -6.24 -4.07
C PHE A 63 -2.22 -6.32 -5.12
N HIS A 64 -0.97 -6.52 -4.74
CA HIS A 64 0.06 -6.71 -5.75
C HIS A 64 -0.14 -8.09 -6.39
N PRO A 65 -0.13 -8.20 -7.71
CA PRO A 65 -0.45 -9.49 -8.36
C PRO A 65 0.40 -10.65 -7.89
N GLN A 66 1.64 -10.40 -7.45
CA GLN A 66 2.48 -11.48 -6.97
C GLN A 66 2.01 -11.99 -5.62
N GLU A 67 1.61 -11.09 -4.72
CA GLU A 67 1.04 -11.54 -3.45
C GLU A 67 -0.27 -12.28 -3.67
N VAL A 68 -1.10 -11.81 -4.61
CA VAL A 68 -2.37 -12.46 -4.88
C VAL A 68 -2.14 -13.88 -5.38
N SER A 69 -1.22 -14.03 -6.33
CA SER A 69 -0.96 -15.36 -6.90
C SER A 69 -0.41 -16.31 -5.85
N MET A 70 0.50 -15.82 -5.00
CA MET A 70 1.11 -16.71 -4.02
C MET A 70 0.11 -17.11 -2.93
N VAL A 71 -0.81 -16.21 -2.56
CA VAL A 71 -1.85 -16.59 -1.61
C VAL A 71 -2.83 -17.57 -2.24
N ARG A 72 -3.18 -17.33 -3.51
CA ARG A 72 -4.06 -18.27 -4.22
C ARG A 72 -3.46 -19.66 -4.25
N ASN A 73 -2.15 -19.77 -4.41
CA ASN A 73 -1.50 -21.08 -4.41
C ASN A 73 -1.44 -21.66 -3.01
N LEU A 74 -1.14 -20.84 -2.00
CA LEU A 74 -1.17 -21.30 -0.62
C LEU A 74 -2.55 -21.85 -0.25
N ILE A 75 -3.61 -21.17 -0.69
CA ILE A 75 -4.96 -21.60 -0.37
C ILE A 75 -5.25 -22.97 -0.98
N GLN A 76 -4.66 -23.27 -2.13
CA GLN A 76 -4.79 -24.58 -2.74
C GLN A 76 -4.03 -25.66 -2.00
N ASN A 77 -3.16 -25.30 -1.07
CA ASN A 77 -2.28 -26.29 -0.44
C ASN A 77 -2.32 -26.19 1.07
N ASP A 78 -1.17 -25.97 1.71
CA ASP A 78 -1.11 -25.98 3.18
C ASP A 78 -1.40 -24.62 3.81
N ARG A 79 -1.62 -23.57 3.00
CA ARG A 79 -2.13 -22.28 3.48
C ARG A 79 -1.22 -21.63 4.51
N THR A 80 0.05 -21.97 4.54
CA THR A 80 0.97 -21.51 5.58
C THR A 80 2.07 -20.68 4.97
N PHE A 81 2.27 -19.47 5.51
CA PHE A 81 3.40 -18.63 5.15
C PHE A 81 4.22 -18.30 6.39
N ALA A 82 5.40 -17.74 6.18
CA ALA A 82 6.35 -17.48 7.25
C ALA A 82 6.37 -15.99 7.56
N VAL A 83 6.27 -15.65 8.85
CA VAL A 83 6.28 -14.28 9.30
C VAL A 83 7.58 -14.06 10.06
N LEU A 84 8.51 -13.35 9.43
CA LEU A 84 9.85 -13.20 10.00
C LEU A 84 9.83 -12.12 11.07
N ALA A 85 10.54 -12.39 12.17
CA ALA A 85 10.71 -11.41 13.24
C ALA A 85 11.94 -10.58 12.92
N TYR A 86 11.73 -9.49 12.19
CA TYR A 86 12.85 -8.66 11.73
C TYR A 86 13.51 -7.95 12.90
N SER A 87 14.80 -8.18 13.09
CA SER A 87 15.59 -7.32 13.96
C SER A 87 15.83 -5.96 13.34
N ASN A 88 15.70 -5.86 12.01
CA ASN A 88 15.97 -4.64 11.25
C ASN A 88 15.15 -4.71 9.97
N VAL A 89 13.95 -4.11 10.01
CA VAL A 89 13.05 -4.18 8.87
C VAL A 89 13.61 -3.43 7.67
N GLN A 90 14.35 -2.33 7.91
CA GLN A 90 14.96 -1.59 6.81
C GLN A 90 15.93 -2.45 6.03
N GLU A 91 16.54 -3.44 6.67
CA GLU A 91 17.54 -4.30 6.04
C GLU A 91 17.03 -5.72 5.83
N ARG A 92 15.78 -6.01 6.19
CA ARG A 92 15.20 -7.34 6.05
C ARG A 92 16.04 -8.40 6.77
N GLU A 93 16.49 -8.06 7.97
CA GLU A 93 17.32 -8.93 8.78
C GLU A 93 16.44 -9.66 9.80
N ALA A 94 16.51 -10.98 9.80
CA ALA A 94 15.70 -11.77 10.71
C ALA A 94 16.36 -13.13 10.93
N GLU A 95 16.31 -13.61 12.18
CA GLU A 95 16.83 -14.93 12.52
C GLU A 95 15.78 -15.91 13.03
N PHE A 96 14.63 -15.42 13.47
CA PHE A 96 13.53 -16.27 13.93
C PHE A 96 12.24 -15.79 13.29
N GLY A 97 11.17 -16.55 13.49
CA GLY A 97 9.87 -16.15 12.98
C GLY A 97 8.82 -17.13 13.46
N THR A 98 7.59 -16.90 12.98
CA THR A 98 6.46 -17.74 13.31
C THR A 98 5.67 -18.04 12.04
N THR A 99 5.27 -19.30 11.86
CA THR A 99 4.42 -19.63 10.73
C THR A 99 3.02 -19.06 10.96
N ALA A 100 2.36 -18.70 9.85
CA ALA A 100 1.01 -18.15 9.89
C ALA A 100 0.13 -18.97 8.96
N GLU A 101 -0.93 -19.53 9.51
CA GLU A 101 -1.83 -20.39 8.77
C GLU A 101 -3.10 -19.62 8.45
N ILE A 102 -3.40 -19.47 7.16
CA ILE A 102 -4.60 -18.76 6.74
C ILE A 102 -5.82 -19.58 7.15
N TYR A 103 -6.74 -18.98 7.90
CA TYR A 103 -7.98 -19.64 8.24
C TYR A 103 -9.20 -19.02 7.58
N ALA A 104 -9.09 -17.82 7.02
CA ALA A 104 -10.18 -17.21 6.29
C ALA A 104 -9.64 -16.50 5.06
N TYR A 105 -10.42 -16.51 3.98
CA TYR A 105 -9.94 -16.05 2.68
C TYR A 105 -11.10 -15.43 1.89
N ARG A 106 -10.80 -14.39 1.12
CA ARG A 106 -11.80 -13.71 0.32
C ARG A 106 -11.12 -13.06 -0.89
N GLU A 107 -11.73 -13.24 -2.06
CA GLU A 107 -11.28 -12.61 -3.28
C GLU A 107 -12.26 -11.50 -3.69
N GLU A 108 -11.71 -10.41 -4.21
CA GLU A 108 -12.54 -9.34 -4.76
C GLU A 108 -11.68 -8.51 -5.71
N GLN A 109 -12.37 -7.68 -6.50
CA GLN A 109 -11.73 -6.84 -7.50
C GLN A 109 -12.18 -5.40 -7.31
N ASP A 110 -11.27 -4.47 -7.55
CA ASP A 110 -11.55 -3.04 -7.42
C ASP A 110 -10.73 -2.31 -8.46
N PHE A 111 -11.41 -1.61 -9.36
CA PHE A 111 -10.77 -0.90 -10.48
C PHE A 111 -9.98 -1.87 -11.36
N GLY A 112 -10.45 -3.11 -11.49
CA GLY A 112 -9.74 -4.12 -12.25
C GLY A 112 -8.54 -4.74 -11.55
N ILE A 113 -8.28 -4.36 -10.30
CA ILE A 113 -7.15 -4.87 -9.55
C ILE A 113 -7.64 -6.00 -8.66
N GLU A 114 -7.06 -7.18 -8.82
CA GLU A 114 -7.44 -8.32 -8.00
C GLU A 114 -6.93 -8.12 -6.57
N ILE A 115 -7.83 -8.19 -5.60
CA ILE A 115 -7.50 -8.06 -4.18
C ILE A 115 -7.78 -9.39 -3.50
N VAL A 116 -6.93 -9.74 -2.53
CA VAL A 116 -7.17 -10.87 -1.64
C VAL A 116 -7.16 -10.37 -0.21
N LYS A 117 -8.23 -10.68 0.52
CA LYS A 117 -8.28 -10.44 1.95
C LYS A 117 -8.10 -11.77 2.67
N VAL A 118 -7.31 -11.75 3.74
CA VAL A 118 -6.89 -12.97 4.42
C VAL A 118 -6.91 -12.72 5.92
N LYS A 119 -7.20 -13.79 6.65
CA LYS A 119 -7.08 -13.80 8.11
C LYS A 119 -6.30 -15.06 8.48
N ALA A 120 -5.15 -14.86 9.14
CA ALA A 120 -4.27 -15.96 9.50
C ALA A 120 -3.95 -15.90 10.98
N ILE A 121 -3.41 -17.00 11.50
CA ILE A 121 -3.08 -17.12 12.91
C ILE A 121 -1.70 -17.77 13.05
N GLY A 122 -0.92 -17.26 13.99
CA GLY A 122 0.40 -17.84 14.22
C GLY A 122 0.28 -19.27 14.74
N ARG A 123 1.18 -20.13 14.26
CA ARG A 123 1.15 -21.54 14.62
C ARG A 123 2.44 -22.01 15.28
N GLN A 124 3.57 -21.93 14.60
CA GLN A 124 4.82 -22.51 15.10
C GLN A 124 5.98 -21.55 14.93
N ARG A 125 6.82 -21.48 15.96
CA ARG A 125 8.06 -20.74 15.87
C ARG A 125 9.06 -21.48 15.00
N PHE A 126 9.98 -20.73 14.38
CA PHE A 126 11.02 -21.35 13.60
C PHE A 126 12.29 -20.50 13.65
N LYS A 127 13.42 -21.16 13.41
CA LYS A 127 14.70 -20.50 13.24
C LYS A 127 15.00 -20.43 11.75
N VAL A 128 15.43 -19.27 11.28
CA VAL A 128 15.74 -19.11 9.86
C VAL A 128 17.06 -19.80 9.56
N LEU A 129 17.06 -20.63 8.52
CA LEU A 129 18.30 -21.23 8.04
C LEU A 129 18.82 -20.53 6.79
N GLU A 130 17.93 -20.15 5.88
CA GLU A 130 18.32 -19.52 4.63
C GLU A 130 17.17 -18.66 4.12
N LEU A 131 17.51 -17.47 3.62
CA LEU A 131 16.55 -16.54 3.04
C LEU A 131 16.95 -16.28 1.59
N ARG A 132 16.28 -16.95 0.65
CA ARG A 132 16.63 -16.89 -0.75
C ARG A 132 15.47 -16.33 -1.57
N THR A 133 15.79 -15.49 -2.53
CA THR A 133 14.80 -14.86 -3.41
C THR A 133 14.80 -15.55 -4.75
N GLN A 134 13.61 -15.89 -5.24
CA GLN A 134 13.48 -16.63 -6.49
C GLN A 134 13.77 -15.70 -7.68
N SER A 135 13.76 -16.30 -8.87
CA SER A 135 13.94 -15.51 -10.09
C SER A 135 12.73 -14.63 -10.39
N ASP A 136 11.56 -14.97 -9.85
CA ASP A 136 10.36 -14.16 -10.04
C ASP A 136 10.11 -13.18 -8.90
N GLY A 137 11.07 -13.00 -8.01
CA GLY A 137 10.98 -11.99 -6.97
C GLY A 137 10.43 -12.47 -5.64
N ILE A 138 9.65 -13.56 -5.62
CA ILE A 138 9.06 -14.02 -4.38
C ILE A 138 10.14 -14.65 -3.50
N GLN A 139 9.99 -14.47 -2.19
CA GLN A 139 11.00 -14.88 -1.23
C GLN A 139 10.59 -16.19 -0.56
N GLN A 140 11.49 -17.17 -0.60
CA GLN A 140 11.30 -18.46 0.08
C GLN A 140 12.32 -18.57 1.20
N ALA A 141 11.85 -18.97 2.38
CA ALA A 141 12.70 -19.12 3.55
C ALA A 141 12.79 -20.59 3.92
N LYS A 142 14.02 -21.09 4.09
CA LYS A 142 14.27 -22.41 4.64
C LYS A 142 14.38 -22.28 6.15
N VAL A 143 13.49 -22.94 6.89
CA VAL A 143 13.39 -22.75 8.33
C VAL A 143 13.40 -24.10 9.03
N GLN A 144 13.70 -24.05 10.32
CA GLN A 144 13.68 -25.23 11.19
C GLN A 144 12.65 -24.99 12.28
N ILE A 145 11.63 -25.85 12.34
CA ILE A 145 10.57 -25.71 13.33
C ILE A 145 11.12 -26.03 14.71
N LEU A 146 10.92 -25.11 15.66
CA LEU A 146 11.38 -25.29 17.03
C LEU A 146 10.36 -26.11 17.84
N PRO A 147 10.83 -26.81 18.87
CA PRO A 147 9.91 -27.55 19.74
C PRO A 147 9.37 -26.68 20.87
N GLU A 148 8.16 -27.02 21.29
CA GLU A 148 7.48 -26.25 22.33
C GLU A 148 7.53 -26.98 23.67
N ALA A 153 5.11 -24.63 36.06
CA ALA A 153 5.23 -23.47 36.93
C ALA A 153 3.97 -22.62 36.92
N GLU A 154 2.97 -23.03 37.70
CA GLU A 154 1.80 -22.19 37.92
C GLU A 154 2.07 -21.05 38.90
N THR A 155 3.22 -21.08 39.59
CA THR A 155 3.61 -19.94 40.41
C THR A 155 3.87 -18.72 39.54
N LEU A 156 4.62 -18.90 38.46
CA LEU A 156 4.89 -17.80 37.54
C LEU A 156 3.60 -17.31 36.89
N MET A 157 2.72 -18.24 36.49
CA MET A 157 1.45 -17.86 35.87
C MET A 157 0.59 -17.06 36.83
N ASP A 158 0.45 -17.54 38.07
CA ASP A 158 -0.37 -16.84 39.05
C ASP A 158 0.21 -15.46 39.35
N ARG A 159 1.54 -15.36 39.42
CA ARG A 159 2.18 -14.08 39.69
C ARG A 159 1.94 -13.10 38.54
N ILE A 160 2.00 -13.58 37.30
CA ILE A 160 1.77 -12.71 36.15
C ILE A 160 0.31 -12.29 36.10
N LYS A 161 -0.60 -13.27 36.24
CA LYS A 161 -2.03 -12.96 36.29
C LYS A 161 -2.35 -12.00 37.41
N LYS A 162 -1.58 -12.05 38.51
CA LYS A 162 -1.80 -11.13 39.61
C LYS A 162 -1.51 -9.69 39.20
N GLN A 163 -0.32 -9.44 38.64
CA GLN A 163 0.03 -8.09 38.22
C GLN A 163 -0.77 -7.64 37.01
N LEU A 164 -1.31 -8.57 36.22
CA LEU A 164 -2.20 -8.19 35.14
C LEU A 164 -3.51 -7.62 35.67
N ARG A 165 -4.06 -8.25 36.72
CA ARG A 165 -5.27 -7.72 37.34
C ARG A 165 -5.01 -6.37 38.00
N GLU A 166 -3.78 -6.13 38.47
CA GLU A 166 -3.44 -4.82 39.03
C GLU A 166 -3.46 -3.75 37.96
N TRP A 167 -3.02 -4.08 36.75
CA TRP A 167 -3.08 -3.13 35.64
C TRP A 167 -4.52 -2.91 35.18
N ASP A 168 -5.26 -4.00 35.02
CA ASP A 168 -6.65 -3.92 34.56
C ASP A 168 -7.42 -5.10 35.14
N GLU A 169 -8.61 -4.82 35.70
CA GLU A 169 -9.47 -5.89 36.20
C GLU A 169 -10.04 -6.72 35.05
N ASN A 170 -9.28 -7.71 34.58
CA ASN A 170 -9.76 -8.57 33.51
C ASN A 170 -9.68 -10.06 33.88
N ASP A 173 -9.71 -14.46 33.85
CA ASP A 173 -9.69 -15.90 33.99
C ASP A 173 -10.17 -16.58 32.72
N ASP A 174 -11.44 -16.37 32.37
CA ASP A 174 -11.94 -16.84 31.08
C ASP A 174 -11.27 -16.10 29.93
N SER A 175 -10.76 -14.89 30.21
CA SER A 175 -10.08 -14.11 29.18
C SER A 175 -8.68 -14.64 28.88
N LEU A 176 -8.03 -15.26 29.88
CA LEU A 176 -6.64 -15.69 29.75
C LEU A 176 -6.55 -17.20 29.62
N PRO A 177 -5.65 -17.69 28.76
CA PRO A 177 -5.51 -19.14 28.60
C PRO A 177 -4.97 -19.78 29.87
N SER A 178 -5.28 -21.07 30.04
CA SER A 178 -4.86 -21.82 31.21
C SER A 178 -3.57 -22.61 30.98
N ASN A 179 -3.35 -23.08 29.76
CA ASN A 179 -2.13 -23.83 29.45
C ASN A 179 -0.93 -22.90 29.49
N PRO A 180 0.17 -23.30 30.15
CA PRO A 180 1.32 -22.38 30.28
C PRO A 180 1.94 -21.98 28.94
N ILE A 181 1.84 -22.82 27.91
CA ILE A 181 2.40 -22.44 26.61
C ILE A 181 1.54 -21.38 25.95
N ASP A 182 0.23 -21.64 25.83
CA ASP A 182 -0.68 -20.65 25.26
C ASP A 182 -0.66 -19.35 26.06
N PHE A 183 -0.49 -19.44 27.38
CA PHE A 183 -0.51 -18.24 28.20
C PHE A 183 0.75 -17.42 28.01
N SER A 184 1.90 -18.10 27.85
CA SER A 184 3.14 -17.38 27.60
C SER A 184 3.07 -16.59 26.30
N TYR A 185 2.38 -17.14 25.29
CA TYR A 185 2.27 -16.44 24.01
C TYR A 185 1.23 -15.34 24.08
N TRP A 186 0.16 -15.53 24.84
CA TRP A 186 -0.79 -14.45 25.07
C TRP A 186 -0.09 -13.25 25.69
N VAL A 187 0.76 -13.51 26.69
CA VAL A 187 1.46 -12.43 27.38
C VAL A 187 2.47 -11.77 26.45
N ALA A 188 3.21 -12.57 25.68
CA ALA A 188 4.20 -12.01 24.77
C ALA A 188 3.56 -11.09 23.75
N ALA A 189 2.37 -11.45 23.27
CA ALA A 189 1.72 -10.67 22.22
C ALA A 189 0.92 -9.48 22.75
N ASN A 190 0.73 -9.36 24.07
CA ASN A 190 -0.15 -8.33 24.60
C ASN A 190 0.54 -7.35 25.55
N LEU A 191 1.75 -7.65 26.03
CA LEU A 191 2.47 -6.71 26.87
C LEU A 191 2.86 -5.47 26.06
N PRO A 192 2.83 -4.28 26.69
CA PRO A 192 3.19 -3.04 25.98
C PRO A 192 4.70 -2.85 25.86
N ILE A 193 5.34 -3.76 25.12
CA ILE A 193 6.79 -3.82 25.03
C ILE A 193 7.22 -3.54 23.60
N ASP A 194 8.49 -3.14 23.45
CA ASP A 194 9.02 -2.83 22.13
C ASP A 194 9.40 -4.10 21.37
N ASP A 195 9.90 -3.92 20.15
CA ASP A 195 10.16 -5.07 19.27
C ASP A 195 11.31 -5.92 19.79
N SER A 196 12.34 -5.30 20.35
CA SER A 196 13.51 -6.06 20.81
C SER A 196 13.12 -7.06 21.88
N LEU A 197 12.20 -6.68 22.78
CA LEU A 197 11.74 -7.59 23.81
C LEU A 197 10.85 -8.68 23.25
N ARG A 198 10.07 -8.37 22.20
CA ARG A 198 9.26 -9.40 21.55
C ARG A 198 10.14 -10.47 20.92
N ILE A 199 11.25 -10.06 20.31
CA ILE A 199 12.16 -11.02 19.69
C ILE A 199 12.90 -11.81 20.76
N GLN A 200 13.27 -11.15 21.85
CA GLN A 200 13.86 -11.86 23.00
C GLN A 200 12.94 -12.98 23.47
N LEU A 201 11.64 -12.69 23.63
CA LEU A 201 10.71 -13.71 24.09
C LEU A 201 10.48 -14.78 23.03
N LEU A 202 10.50 -14.42 21.75
CA LEU A 202 10.26 -15.40 20.70
C LEU A 202 11.41 -16.40 20.59
N LYS A 203 12.64 -15.96 20.91
CA LYS A 203 13.79 -16.86 20.89
C LYS A 203 13.70 -17.94 21.96
N ILE A 204 13.05 -17.63 23.09
CA ILE A 204 13.01 -18.57 24.21
C ILE A 204 12.22 -19.80 23.82
N ASP A 205 12.78 -20.98 24.11
CA ASP A 205 12.15 -22.23 23.72
C ASP A 205 11.21 -22.77 24.78
N SER A 206 11.52 -22.59 26.06
CA SER A 206 10.73 -23.14 27.15
C SER A 206 9.68 -22.15 27.61
N ALA A 207 8.44 -22.62 27.77
CA ALA A 207 7.37 -21.77 28.28
C ALA A 207 7.69 -21.29 29.69
N ILE A 208 8.30 -22.16 30.51
CA ILE A 208 8.71 -21.76 31.86
C ILE A 208 9.69 -20.60 31.79
N GLN A 209 10.71 -20.73 30.95
CA GLN A 209 11.66 -19.63 30.76
C GLN A 209 10.98 -18.41 30.15
N ARG A 210 10.03 -18.64 29.24
CA ARG A 210 9.32 -17.54 28.61
C ARG A 210 8.48 -16.77 29.63
N LEU A 211 7.77 -17.47 30.51
CA LEU A 211 6.98 -16.80 31.53
C LEU A 211 7.86 -16.05 32.52
N ARG A 212 9.00 -16.64 32.90
CA ARG A 212 9.87 -16.02 33.90
C ARG A 212 10.50 -14.74 33.35
N CYS A 213 10.87 -14.75 32.06
CA CYS A 213 11.37 -13.53 31.43
C CYS A 213 10.29 -12.47 31.34
N GLU A 214 9.04 -12.87 31.16
CA GLU A 214 7.94 -11.91 31.06
C GLU A 214 7.70 -11.21 32.40
N LEU A 215 7.67 -11.99 33.48
CA LEU A 215 7.57 -11.41 34.82
C LEU A 215 8.62 -10.33 35.03
N ASP A 216 9.86 -10.62 34.65
CA ASP A 216 10.91 -9.61 34.76
C ASP A 216 10.61 -8.38 33.92
N ILE A 217 9.96 -8.56 32.77
CA ILE A 217 9.69 -7.43 31.88
C ILE A 217 8.55 -6.57 32.44
N MET A 218 7.48 -7.21 32.92
CA MET A 218 6.37 -6.47 33.50
C MET A 218 6.82 -5.56 34.64
N ASN A 219 7.81 -6.01 35.42
CA ASN A 219 8.24 -5.23 36.58
C ASN A 219 9.10 -4.03 36.17
N LYS A 220 9.87 -4.14 35.10
CA LYS A 220 10.67 -3.01 34.61
C LYS A 220 9.89 -2.11 33.66
N CYS A 221 8.64 -2.44 33.35
CA CYS A 221 7.83 -1.63 32.47
C CYS A 221 7.69 -0.22 33.04
N THR A 222 7.52 0.76 32.16
CA THR A 222 7.44 2.15 32.59
C THR A 222 6.17 2.82 32.05
N SER A 223 6.34 3.78 31.14
CA SER A 223 5.21 4.47 30.54
C SER A 223 5.48 4.64 29.05
N LEU A 224 4.44 5.05 28.31
CA LEU A 224 4.50 5.14 26.86
C LEU A 224 4.51 6.62 26.45
N CYS A 225 5.61 7.05 25.86
CA CYS A 225 5.76 8.41 25.35
C CYS A 225 5.60 8.42 23.83
N CYS A 226 5.30 9.61 23.30
CA CYS A 226 5.21 9.80 21.86
C CYS A 226 6.61 9.69 21.25
N LYS A 227 6.74 8.87 20.21
CA LYS A 227 8.07 8.60 19.67
C LYS A 227 8.69 9.84 19.04
N GLN A 228 7.86 10.68 18.41
CA GLN A 228 8.41 11.87 17.77
C GLN A 228 8.90 12.88 18.78
N CYS A 229 8.35 12.87 20.00
CA CYS A 229 8.78 13.76 21.06
C CYS A 229 9.81 13.12 21.99
N GLN A 230 9.68 11.82 22.25
CA GLN A 230 10.43 11.12 23.29
C GLN A 230 10.31 11.84 24.64
N GLU A 231 9.16 12.48 24.89
CA GLU A 231 8.95 13.21 26.14
C GLU A 231 7.50 13.15 26.62
N THR A 232 6.55 13.51 25.76
CA THR A 232 5.18 13.68 26.21
C THR A 232 4.53 12.32 26.46
N GLU A 233 4.12 12.08 27.69
CA GLU A 233 3.53 10.81 28.09
C GLU A 233 2.09 10.72 27.60
N ILE A 234 1.72 9.55 27.09
CA ILE A 234 0.42 9.33 26.47
C ILE A 234 -0.48 8.46 27.35
N THR A 235 0.02 7.30 27.76
CA THR A 235 -0.73 6.39 28.62
C THR A 235 0.27 5.52 29.37
N THR A 236 -0.23 4.50 30.07
CA THR A 236 0.59 3.71 30.97
C THR A 236 -0.04 2.33 31.08
N LYS A 237 0.75 1.36 31.56
CA LYS A 237 0.26 0.01 31.80
C LYS A 237 -1.08 -0.02 32.52
N ASN A 238 -1.32 0.96 33.40
CA ASN A 238 -2.44 0.89 34.33
C ASN A 238 -3.77 1.29 33.73
N GLU A 239 -3.78 2.01 32.60
CA GLU A 239 -5.01 2.25 31.86
C GLU A 239 -5.22 1.28 30.72
N ILE A 240 -4.35 0.27 30.57
CA ILE A 240 -4.56 -0.75 29.56
C ILE A 240 -5.91 -1.43 29.79
N PHE A 241 -6.65 -1.66 28.72
CA PHE A 241 -8.05 -2.06 28.82
C PHE A 241 -8.36 -2.97 27.65
N SER A 242 -8.71 -4.21 27.92
CA SER A 242 -8.93 -5.22 26.88
C SER A 242 -10.40 -5.19 26.45
N LEU A 243 -10.63 -4.91 25.17
CA LEU A 243 -11.96 -4.93 24.57
C LEU A 243 -12.16 -6.12 23.64
N SER A 244 -11.24 -7.09 23.66
CA SER A 244 -11.28 -8.19 22.71
C SER A 244 -10.77 -9.45 23.39
N ARG A 245 -11.30 -10.60 22.96
CA ARG A 245 -10.81 -11.88 23.44
C ARG A 245 -9.35 -12.10 23.07
N GLU A 246 -8.86 -11.46 22.01
CA GLU A 246 -7.45 -11.55 21.66
C GLU A 246 -6.58 -10.90 22.71
N GLY A 247 -7.13 -9.95 23.46
CA GLY A 247 -6.39 -9.26 24.49
C GLY A 247 -6.28 -7.77 24.22
N PRO A 248 -5.59 -7.05 25.12
CA PRO A 248 -5.49 -5.59 24.97
C PRO A 248 -4.73 -5.13 23.74
N MET A 249 -4.02 -6.01 23.06
CA MET A 249 -3.22 -5.64 21.92
C MET A 249 -3.66 -6.46 20.73
N ALA A 250 -3.78 -5.82 19.57
CA ALA A 250 -4.33 -6.51 18.41
C ALA A 250 -3.91 -5.78 17.14
N ALA A 251 -3.86 -6.55 16.04
CA ALA A 251 -3.55 -6.01 14.73
C ALA A 251 -4.84 -5.85 13.94
N TYR A 252 -5.03 -4.68 13.36
CA TYR A 252 -6.16 -4.42 12.48
C TYR A 252 -5.65 -3.77 11.20
N VAL A 253 -6.40 -3.93 10.12
CA VAL A 253 -6.03 -3.41 8.81
C VAL A 253 -6.85 -2.15 8.53
N ASN A 254 -6.17 -1.09 8.06
CA ASN A 254 -6.86 0.11 7.61
C ASN A 254 -7.52 -0.19 6.26
N PRO A 255 -8.36 0.72 5.74
CA PRO A 255 -9.10 0.39 4.51
C PRO A 255 -8.23 0.11 3.29
N HIS A 256 -6.92 0.34 3.34
CA HIS A 256 -6.08 0.14 2.16
C HIS A 256 -4.96 -0.87 2.39
N GLY A 257 -5.08 -1.74 3.37
CA GLY A 257 -4.16 -2.86 3.51
C GLY A 257 -3.06 -2.66 4.53
N TYR A 258 -2.89 -1.46 5.07
CA TYR A 258 -1.84 -1.24 6.06
C TYR A 258 -2.25 -1.77 7.42
N VAL A 259 -1.41 -2.62 8.00
CA VAL A 259 -1.71 -3.29 9.25
C VAL A 259 -1.17 -2.45 10.40
N HIS A 260 -2.06 -2.06 11.31
CA HIS A 260 -1.73 -1.32 12.52
C HIS A 260 -1.86 -2.26 13.72
N GLU A 261 -0.87 -2.26 14.59
CA GLU A 261 -1.00 -2.91 15.89
C GLU A 261 -1.46 -1.89 16.92
N ILE A 262 -2.57 -2.17 17.59
CA ILE A 262 -3.27 -1.21 18.43
C ILE A 262 -3.27 -1.70 19.88
N LEU A 263 -2.96 -0.79 20.80
CA LEU A 263 -3.12 -1.00 22.23
C LEU A 263 -4.33 -0.19 22.71
N THR A 264 -5.32 -0.88 23.27
CA THR A 264 -6.53 -0.21 23.74
C THR A 264 -6.35 0.20 25.21
N VAL A 265 -6.58 1.48 25.49
CA VAL A 265 -6.46 2.03 26.84
C VAL A 265 -7.70 2.86 27.14
N TYR A 266 -8.06 2.91 28.42
CA TYR A 266 -9.28 3.62 28.83
C TYR A 266 -9.11 5.13 28.81
N LYS A 267 -7.90 5.63 29.09
CA LYS A 267 -7.66 7.06 29.12
C LYS A 267 -6.24 7.34 28.65
N ALA A 268 -6.07 8.47 27.98
CA ALA A 268 -4.77 8.88 27.46
C ALA A 268 -4.57 10.37 27.76
N CYS A 269 -3.30 10.78 27.71
CA CYS A 269 -2.91 12.13 28.06
C CYS A 269 -2.20 12.80 26.88
N ASN A 270 -2.29 14.13 26.84
CA ASN A 270 -1.53 14.96 25.89
C ASN A 270 -1.92 14.65 24.44
N LEU A 271 -3.20 14.39 24.23
CA LEU A 271 -3.70 13.98 22.92
C LEU A 271 -4.82 14.90 22.47
N ASN A 272 -4.71 15.37 21.24
CA ASN A 272 -5.76 16.14 20.58
C ASN A 272 -6.56 15.25 19.66
N LEU A 273 -7.71 15.75 19.22
CA LEU A 273 -8.55 15.07 18.25
C LEU A 273 -8.60 15.87 16.96
N ILE A 274 -8.80 15.18 15.84
CA ILE A 274 -8.89 15.79 14.52
C ILE A 274 -10.13 15.25 13.82
N GLY A 275 -10.82 16.14 13.10
CA GLY A 275 -11.89 15.68 12.23
C GLY A 275 -13.16 15.28 12.98
N ARG A 276 -14.01 14.53 12.26
CA ARG A 276 -15.33 14.16 12.75
C ARG A 276 -15.40 12.67 13.02
N PRO A 277 -15.86 12.26 14.21
CA PRO A 277 -16.13 10.85 14.49
C PRO A 277 -16.77 10.12 13.32
N SER A 278 -16.23 8.98 12.93
CA SER A 278 -16.67 8.27 11.73
C SER A 278 -16.90 6.79 12.04
N THR A 279 -17.90 6.21 11.37
CA THR A 279 -18.27 4.82 11.55
C THR A 279 -17.73 3.90 10.47
N GLU A 280 -17.12 4.44 9.42
CA GLU A 280 -16.69 3.62 8.29
C GLU A 280 -15.49 2.77 8.68
N HIS A 281 -15.54 1.49 8.31
CA HIS A 281 -14.41 0.58 8.46
C HIS A 281 -13.95 0.47 9.90
N SER A 282 -14.91 0.49 10.84
CA SER A 282 -14.58 0.53 12.26
C SER A 282 -14.12 -0.84 12.74
N TRP A 283 -13.00 -0.87 13.46
CA TRP A 283 -12.48 -2.12 14.00
C TRP A 283 -13.27 -2.62 15.21
N PHE A 284 -14.16 -1.79 15.76
CA PHE A 284 -14.92 -2.14 16.96
C PHE A 284 -16.38 -1.85 16.65
N PRO A 285 -17.14 -2.83 16.18
CA PRO A 285 -18.51 -2.58 15.74
C PRO A 285 -19.35 -1.96 16.85
N GLY A 286 -20.15 -0.96 16.48
CA GLY A 286 -20.86 -0.14 17.43
C GLY A 286 -20.10 1.09 17.89
N TYR A 287 -18.85 1.23 17.48
CA TYR A 287 -18.01 2.35 17.88
C TYR A 287 -17.57 3.14 16.66
N ALA A 288 -17.40 4.45 16.86
CA ALA A 288 -16.89 5.35 15.84
C ALA A 288 -15.53 5.86 16.26
N TRP A 289 -14.69 6.18 15.28
CA TRP A 289 -13.31 6.53 15.55
C TRP A 289 -13.03 7.98 15.14
N THR A 290 -11.99 8.53 15.76
CA THR A 290 -11.54 9.89 15.48
C THR A 290 -10.03 9.92 15.65
N VAL A 291 -9.33 10.50 14.67
CA VAL A 291 -7.87 10.52 14.72
C VAL A 291 -7.40 11.31 15.92
N ALA A 292 -6.53 10.69 16.71
CA ALA A 292 -5.91 11.34 17.86
C ALA A 292 -4.44 11.60 17.55
N GLN A 293 -3.99 12.83 17.78
CA GLN A 293 -2.62 13.24 17.52
C GLN A 293 -1.99 13.78 18.79
N CYS A 294 -0.68 13.96 18.75
CA CYS A 294 0.05 14.47 19.90
C CYS A 294 -0.25 15.96 20.08
N LYS A 295 -0.69 16.34 21.28
CA LYS A 295 -1.00 17.73 21.58
C LYS A 295 0.22 18.64 21.49
N ILE A 296 1.41 18.08 21.28
CA ILE A 296 2.65 18.85 21.18
C ILE A 296 3.14 18.95 19.74
N CYS A 297 3.23 17.81 19.04
CA CYS A 297 3.78 17.80 17.69
C CYS A 297 2.76 17.43 16.62
N ALA A 298 1.50 17.17 17.00
CA ALA A 298 0.43 16.79 16.08
C ALA A 298 0.75 15.52 15.29
N SER A 299 1.73 14.74 15.76
CA SER A 299 1.95 13.41 15.19
C SER A 299 0.74 12.54 15.50
N HIS A 300 0.15 11.97 14.45
CA HIS A 300 -0.93 11.01 14.67
C HIS A 300 -0.42 9.87 15.52
N ILE A 301 -1.18 9.50 16.55
CA ILE A 301 -0.80 8.48 17.50
C ILE A 301 -1.76 7.30 17.46
N GLY A 302 -3.05 7.56 17.27
CA GLY A 302 -4.03 6.51 17.25
C GLY A 302 -5.43 7.07 17.02
N TRP A 303 -6.43 6.42 17.62
CA TRP A 303 -7.81 6.83 17.47
C TRP A 303 -8.52 6.76 18.81
N LYS A 304 -9.37 7.75 19.07
CA LYS A 304 -10.33 7.65 20.15
C LYS A 304 -11.61 7.04 19.59
N PHE A 305 -12.11 6.00 20.26
CA PHE A 305 -13.37 5.38 19.87
C PHE A 305 -14.48 5.86 20.79
N THR A 306 -15.65 6.09 20.21
CA THR A 306 -16.79 6.64 20.95
C THR A 306 -18.04 5.85 20.61
N ALA A 307 -18.84 5.56 21.64
CA ALA A 307 -20.05 4.76 21.49
C ALA A 307 -21.02 5.41 20.52
N THR A 308 -21.74 4.57 19.77
CA THR A 308 -22.82 5.03 18.89
C THR A 308 -24.17 5.00 19.59
N LYS A 309 -24.34 4.13 20.59
CA LYS A 309 -25.55 4.08 21.40
C LYS A 309 -25.17 4.33 22.85
N LYS A 310 -25.91 5.21 23.52
CA LYS A 310 -25.56 5.58 24.89
C LYS A 310 -25.82 4.47 25.90
N ASP A 311 -26.36 3.34 25.45
CA ASP A 311 -26.58 2.19 26.32
C ASP A 311 -25.38 1.25 26.40
N MET A 312 -24.23 1.65 25.87
CA MET A 312 -23.04 0.80 25.86
C MET A 312 -21.97 1.34 26.79
N SER A 313 -21.28 0.42 27.47
CA SER A 313 -20.12 0.70 28.28
C SER A 313 -18.94 -0.11 27.76
N PRO A 314 -17.76 0.50 27.59
CA PRO A 314 -17.48 1.90 27.91
C PRO A 314 -18.00 2.87 26.86
N GLN A 315 -18.12 4.15 27.24
CA GLN A 315 -18.52 5.18 26.29
C GLN A 315 -17.34 5.73 25.51
N LYS A 316 -16.15 5.75 26.11
CA LYS A 316 -14.95 6.27 25.46
C LYS A 316 -13.78 5.35 25.76
N PHE A 317 -13.00 5.02 24.73
CA PHE A 317 -11.72 4.36 24.90
C PHE A 317 -10.84 4.72 23.71
N TRP A 318 -9.54 4.46 23.85
CA TRP A 318 -8.59 4.82 22.82
C TRP A 318 -7.85 3.58 22.31
N GLY A 319 -7.48 3.62 21.04
CA GLY A 319 -6.64 2.60 20.44
C GLY A 319 -5.42 3.23 19.81
N LEU A 320 -4.26 3.03 20.44
CA LEU A 320 -3.03 3.70 20.07
C LEU A 320 -2.08 2.73 19.39
N THR A 321 -1.54 3.13 18.25
CA THR A 321 -0.61 2.28 17.51
C THR A 321 0.68 2.08 18.28
N ARG A 322 1.20 0.86 18.25
CA ARG A 322 2.52 0.58 18.82
C ARG A 322 3.58 1.46 18.17
N SER A 323 3.49 1.63 16.85
CA SER A 323 4.54 2.33 16.12
C SER A 323 4.67 3.80 16.52
N ALA A 324 3.62 4.39 17.08
CA ALA A 324 3.66 5.80 17.46
C ALA A 324 4.15 6.01 18.89
N LEU A 325 4.42 4.95 19.63
CA LEU A 325 4.78 5.05 21.03
C LEU A 325 6.17 4.45 21.29
N ILE A 326 6.77 4.89 22.38
CA ILE A 326 8.10 4.43 22.80
C ILE A 326 8.07 4.40 24.32
N PRO A 327 8.72 3.45 24.98
CA PRO A 327 8.74 3.47 26.44
C PRO A 327 9.76 4.45 27.01
N THR A 328 9.48 4.90 28.22
CA THR A 328 10.40 5.80 28.93
C THR A 328 11.56 5.02 29.53
N ASN B 6 -17.61 22.29 -22.77
CA ASN B 6 -16.62 22.02 -23.82
C ASN B 6 -15.50 23.05 -23.77
N ILE B 7 -15.87 24.31 -23.51
CA ILE B 7 -14.89 25.37 -23.27
C ILE B 7 -14.40 25.26 -21.83
N ILE B 8 -13.10 25.49 -21.61
CA ILE B 8 -12.49 25.32 -20.31
C ILE B 8 -12.21 26.69 -19.69
N ASN B 9 -12.54 26.82 -18.40
CA ASN B 9 -12.32 28.01 -17.60
C ASN B 9 -11.51 27.68 -16.35
N PHE B 10 -10.55 26.77 -16.48
CA PHE B 10 -9.83 26.20 -15.36
C PHE B 10 -8.36 26.05 -15.73
N ASP B 11 -7.50 26.20 -14.72
CA ASP B 11 -6.05 26.21 -14.93
C ASP B 11 -5.55 24.78 -15.11
N THR B 12 -5.22 24.41 -16.36
CA THR B 12 -4.74 23.07 -16.65
C THR B 12 -3.33 22.81 -16.14
N SER B 13 -2.66 23.82 -15.60
CA SER B 13 -1.35 23.62 -15.01
C SER B 13 -1.40 23.21 -13.54
N LEU B 14 -2.58 23.23 -12.92
CA LEU B 14 -2.70 22.79 -11.54
C LEU B 14 -2.58 21.27 -11.38
N PRO B 15 -3.23 20.45 -12.22
CA PRO B 15 -3.12 19.00 -12.02
C PRO B 15 -1.70 18.48 -12.09
N THR B 16 -0.87 19.06 -12.97
CA THR B 16 0.51 18.62 -13.11
C THR B 16 1.36 18.94 -11.88
N SER B 17 0.87 19.78 -10.98
CA SER B 17 1.61 20.15 -9.78
C SER B 17 1.43 19.16 -8.64
N HIS B 18 0.37 18.35 -8.67
CA HIS B 18 0.11 17.35 -7.63
C HIS B 18 0.07 17.98 -6.24
N THR B 19 -0.62 19.12 -6.13
CA THR B 19 -0.66 19.83 -4.85
C THR B 19 -1.32 19.01 -3.75
N TYR B 20 -2.19 18.06 -4.12
CA TYR B 20 -2.76 17.15 -3.13
C TYR B 20 -1.67 16.39 -2.38
N LEU B 21 -0.52 16.17 -3.01
CA LEU B 21 0.59 15.47 -2.38
C LEU B 21 1.30 16.31 -1.33
N GLY B 22 1.02 17.61 -1.27
CA GLY B 22 1.73 18.53 -0.37
C GLY B 22 2.41 19.59 -1.20
N ALA B 23 2.20 20.84 -0.83
CA ALA B 23 2.69 21.97 -1.62
C ALA B 23 4.07 22.42 -1.22
N ASP B 24 4.64 21.89 -0.14
CA ASP B 24 5.97 22.28 0.33
C ASP B 24 7.03 21.25 -0.04
N MET B 25 7.03 20.81 -1.30
CA MET B 25 7.95 19.79 -1.76
C MET B 25 9.31 20.41 -2.07
N GLU B 26 10.37 19.82 -1.55
CA GLU B 26 11.71 20.20 -1.96
C GLU B 26 11.89 19.89 -3.44
N GLU B 27 12.74 20.69 -4.10
CA GLU B 27 12.98 20.51 -5.53
C GLU B 27 14.49 20.51 -5.78
N PHE B 28 14.87 19.99 -6.95
CA PHE B 28 16.26 19.86 -7.33
C PHE B 28 16.47 20.45 -8.72
N HIS B 29 17.54 21.23 -8.88
CA HIS B 29 17.89 21.80 -10.17
C HIS B 29 18.88 20.94 -10.96
N GLY B 30 19.56 20.01 -10.30
CA GLY B 30 20.52 19.18 -11.00
C GLY B 30 19.85 18.24 -11.97
N ARG B 31 20.61 17.85 -13.00
CA ARG B 31 20.11 16.95 -14.03
C ARG B 31 21.19 15.93 -14.37
N THR B 32 20.84 14.66 -14.31
CA THR B 32 21.74 13.57 -14.64
C THR B 32 21.22 12.86 -15.89
N LEU B 33 22.10 12.66 -16.86
CA LEU B 33 21.76 11.97 -18.09
C LEU B 33 22.90 11.04 -18.46
N HIS B 34 22.56 9.78 -18.75
CA HIS B 34 23.56 8.76 -19.03
C HIS B 34 23.85 8.69 -20.53
N ASP B 35 25.09 8.33 -20.84
CA ASP B 35 25.53 8.27 -22.23
C ASP B 35 24.79 7.18 -22.98
N ASP B 36 24.64 7.39 -24.30
CA ASP B 36 24.04 6.38 -25.16
C ASP B 36 24.86 5.10 -25.14
N ASP B 37 24.15 3.96 -25.17
CA ASP B 37 24.76 2.64 -25.26
C ASP B 37 25.71 2.37 -24.09
N SER B 38 25.39 2.89 -22.91
CA SER B 38 26.20 2.65 -21.72
C SER B 38 25.48 1.68 -20.78
N ILE B 39 26.26 0.92 -20.03
CA ILE B 39 25.70 0.05 -18.98
C ILE B 39 25.64 0.84 -17.69
N GLN B 40 24.46 0.87 -17.08
CA GLN B 40 24.26 1.48 -15.77
C GLN B 40 23.61 0.46 -14.85
N VAL B 41 23.83 0.64 -13.56
CA VAL B 41 23.23 -0.20 -12.53
C VAL B 41 22.31 0.71 -11.71
N ILE B 42 21.00 0.48 -11.81
CA ILE B 42 20.00 1.40 -11.29
C ILE B 42 19.01 0.59 -10.43
N PRO B 43 18.64 1.06 -9.25
CA PRO B 43 17.71 0.28 -8.43
C PRO B 43 16.28 0.36 -8.95
N VAL B 44 15.48 -0.62 -8.53
CA VAL B 44 14.10 -0.77 -8.98
C VAL B 44 13.21 -0.76 -7.75
N LEU B 45 12.23 0.14 -7.73
CA LEU B 45 11.30 0.19 -6.60
C LEU B 45 10.34 -0.99 -6.70
N PRO B 46 10.20 -1.79 -5.64
CA PRO B 46 9.54 -3.10 -5.79
C PRO B 46 8.04 -3.04 -6.04
N GLN B 47 7.36 -1.95 -5.69
CA GLN B 47 5.91 -1.89 -5.88
C GLN B 47 5.48 -1.01 -7.03
N VAL B 48 6.43 -0.41 -7.77
CA VAL B 48 6.09 0.29 -8.99
C VAL B 48 5.69 -0.72 -10.05
N MET B 49 4.58 -0.45 -10.73
CA MET B 49 4.03 -1.36 -11.72
C MET B 49 3.74 -0.68 -13.05
N MET B 50 3.85 0.64 -13.13
CA MET B 50 3.39 1.39 -14.29
C MET B 50 4.47 1.41 -15.37
N ILE B 51 4.02 1.39 -16.62
CA ILE B 51 4.91 1.53 -17.77
C ILE B 51 5.25 3.00 -17.95
N LEU B 52 6.53 3.33 -17.86
CA LEU B 52 6.99 4.71 -17.93
C LEU B 52 7.71 4.96 -19.24
N VAL B 53 7.53 6.16 -19.77
CA VAL B 53 8.08 6.61 -21.04
C VAL B 53 8.86 7.88 -20.77
N PRO B 54 9.92 8.19 -21.53
CA PRO B 54 10.61 9.47 -21.35
C PRO B 54 9.66 10.65 -21.38
N GLY B 55 9.80 11.54 -20.39
CA GLY B 55 8.96 12.72 -20.29
C GLY B 55 7.70 12.56 -19.48
N GLN B 56 7.37 11.34 -19.06
CA GLN B 56 6.18 11.09 -18.24
C GLN B 56 6.47 11.35 -16.76
N THR B 57 5.45 11.80 -16.05
CA THR B 57 5.56 12.02 -14.62
C THR B 57 5.07 10.79 -13.85
N LEU B 58 5.75 10.47 -12.77
CA LEU B 58 5.39 9.38 -11.88
C LEU B 58 5.37 9.91 -10.45
N PRO B 59 4.20 10.03 -9.82
CA PRO B 59 4.15 10.40 -8.41
C PRO B 59 4.11 9.15 -7.52
N LEU B 60 4.69 9.27 -6.33
CA LEU B 60 4.81 8.13 -5.44
C LEU B 60 4.70 8.59 -3.99
N GLN B 61 4.20 7.69 -3.15
CA GLN B 61 4.18 7.87 -1.70
C GLN B 61 4.61 6.55 -1.07
N LEU B 62 5.72 6.55 -0.36
CA LEU B 62 6.41 5.33 0.02
C LEU B 62 6.40 5.13 1.53
N PHE B 63 5.93 3.96 1.97
CA PHE B 63 5.73 3.61 3.37
C PHE B 63 6.80 2.67 3.92
N HIS B 64 7.30 1.76 3.12
CA HIS B 64 8.15 0.70 3.66
C HIS B 64 9.52 1.25 3.99
N PRO B 65 10.06 0.98 5.18
CA PRO B 65 11.37 1.57 5.56
C PRO B 65 12.48 1.26 4.59
N GLN B 66 12.39 0.13 3.88
CA GLN B 66 13.38 -0.19 2.86
C GLN B 66 13.22 0.72 1.63
N GLU B 67 11.98 1.05 1.28
CA GLU B 67 11.75 1.98 0.18
C GLU B 67 12.24 3.39 0.54
N VAL B 68 11.95 3.85 1.76
CA VAL B 68 12.32 5.21 2.12
C VAL B 68 13.83 5.34 2.30
N SER B 69 14.48 4.26 2.76
CA SER B 69 15.93 4.27 2.84
C SER B 69 16.53 4.40 1.44
N MET B 70 16.00 3.63 0.50
CA MET B 70 16.54 3.63 -0.86
C MET B 70 16.35 5.00 -1.52
N VAL B 71 15.19 5.61 -1.32
CA VAL B 71 14.92 6.91 -1.93
C VAL B 71 15.72 8.01 -1.23
N ARG B 72 15.83 7.94 0.10
CA ARG B 72 16.69 8.86 0.83
C ARG B 72 18.11 8.83 0.26
N ASN B 73 18.65 7.64 0.04
CA ASN B 73 19.98 7.52 -0.54
C ASN B 73 20.00 8.05 -1.97
N LEU B 74 18.93 7.83 -2.72
CA LEU B 74 18.85 8.36 -4.09
C LEU B 74 18.91 9.88 -4.09
N ILE B 75 18.22 10.53 -3.15
CA ILE B 75 18.21 11.98 -3.07
C ILE B 75 19.62 12.52 -2.86
N GLN B 76 20.48 11.76 -2.19
CA GLN B 76 21.84 12.18 -1.94
C GLN B 76 22.80 11.79 -3.06
N ASN B 77 22.30 11.12 -4.11
CA ASN B 77 23.12 10.75 -5.25
C ASN B 77 22.51 11.29 -6.55
N ASP B 78 22.27 10.42 -7.54
CA ASP B 78 21.78 10.88 -8.83
C ASP B 78 20.26 10.92 -8.95
N ARG B 79 19.54 10.52 -7.90
CA ARG B 79 18.08 10.70 -7.83
C ARG B 79 17.34 9.93 -8.92
N THR B 80 17.95 8.87 -9.43
CA THR B 80 17.44 8.16 -10.61
C THR B 80 17.20 6.70 -10.26
N PHE B 81 15.99 6.22 -10.50
CA PHE B 81 15.69 4.80 -10.41
C PHE B 81 15.17 4.30 -11.76
N ALA B 82 14.99 2.98 -11.84
CA ALA B 82 14.61 2.31 -13.08
C ALA B 82 13.19 1.80 -12.97
N VAL B 83 12.37 2.14 -13.97
CA VAL B 83 10.97 1.71 -14.02
C VAL B 83 10.85 0.68 -15.13
N LEU B 84 10.58 -0.56 -14.74
CA LEU B 84 10.49 -1.66 -15.68
C LEU B 84 9.12 -1.71 -16.36
N ALA B 85 9.13 -1.99 -17.65
CA ALA B 85 7.91 -2.21 -18.42
C ALA B 85 7.64 -3.71 -18.40
N TYR B 86 6.92 -4.15 -17.36
CA TYR B 86 6.69 -5.56 -17.14
C TYR B 86 5.81 -6.15 -18.24
N SER B 87 6.25 -7.29 -18.80
CA SER B 87 5.35 -8.08 -19.63
C SER B 87 4.31 -8.78 -18.77
N ASN B 88 4.74 -9.32 -17.62
CA ASN B 88 3.87 -9.98 -16.65
C ASN B 88 4.26 -9.47 -15.27
N VAL B 89 3.44 -8.57 -14.71
CA VAL B 89 3.71 -8.07 -13.36
C VAL B 89 3.63 -9.21 -12.35
N GLN B 90 2.71 -10.14 -12.56
CA GLN B 90 2.53 -11.27 -11.65
C GLN B 90 3.80 -12.11 -11.50
N GLU B 91 4.76 -11.97 -12.41
CA GLU B 91 6.00 -12.74 -12.31
C GLU B 91 7.24 -11.90 -12.56
N ARG B 92 7.12 -10.57 -12.50
CA ARG B 92 8.25 -9.64 -12.65
C ARG B 92 9.03 -9.91 -13.93
N GLU B 93 8.30 -10.01 -15.04
CA GLU B 93 8.87 -10.29 -16.35
C GLU B 93 9.01 -8.97 -17.10
N ALA B 94 10.26 -8.55 -17.35
CA ALA B 94 10.49 -7.27 -18.02
C ALA B 94 11.75 -7.34 -18.87
N GLU B 95 11.65 -6.86 -20.12
CA GLU B 95 12.79 -6.79 -21.02
C GLU B 95 13.21 -5.36 -21.35
N PHE B 96 12.39 -4.36 -21.05
CA PHE B 96 12.69 -2.97 -21.36
C PHE B 96 12.22 -2.09 -20.21
N GLY B 97 12.65 -0.84 -20.22
CA GLY B 97 12.20 0.08 -19.19
C GLY B 97 12.64 1.49 -19.47
N THR B 98 12.45 2.35 -18.47
CA THR B 98 12.78 3.77 -18.57
C THR B 98 13.26 4.27 -17.21
N THR B 99 14.30 5.09 -17.22
CA THR B 99 14.79 5.69 -15.99
C THR B 99 13.84 6.78 -15.53
N ALA B 100 13.68 6.90 -14.22
CA ALA B 100 12.89 7.98 -13.62
C ALA B 100 13.79 8.80 -12.72
N GLU B 101 13.81 10.11 -12.95
CA GLU B 101 14.62 11.02 -12.16
C GLU B 101 13.73 11.79 -11.20
N ILE B 102 14.06 11.70 -9.90
CA ILE B 102 13.34 12.44 -8.87
C ILE B 102 13.56 13.93 -9.06
N TYR B 103 12.47 14.69 -9.16
CA TYR B 103 12.59 16.15 -9.21
C TYR B 103 11.93 16.85 -8.05
N ALA B 104 11.19 16.14 -7.18
CA ALA B 104 10.57 16.76 -6.03
C ALA B 104 10.38 15.73 -4.94
N TYR B 105 10.43 16.19 -3.69
CA TYR B 105 10.58 15.30 -2.54
C TYR B 105 10.07 16.00 -1.29
N ARG B 106 9.49 15.20 -0.39
CA ARG B 106 9.14 15.67 0.94
C ARG B 106 9.04 14.47 1.87
N GLU B 107 9.56 14.61 3.08
CA GLU B 107 9.50 13.57 4.10
C GLU B 107 8.39 13.88 5.10
N GLU B 108 7.72 12.83 5.56
CA GLU B 108 6.67 12.95 6.56
C GLU B 108 6.85 11.87 7.61
N GLN B 109 5.93 11.88 8.58
CA GLN B 109 5.94 10.88 9.66
C GLN B 109 4.51 10.77 10.17
N ASP B 110 3.90 9.61 9.98
CA ASP B 110 2.53 9.36 10.42
C ASP B 110 2.50 8.10 11.26
N PHE B 111 1.95 8.21 12.46
CA PHE B 111 1.86 7.09 13.40
C PHE B 111 3.23 6.47 13.66
N GLY B 112 4.27 7.30 13.68
CA GLY B 112 5.63 6.85 13.85
C GLY B 112 6.26 6.21 12.63
N ILE B 113 5.57 6.21 11.49
CA ILE B 113 6.06 5.57 10.28
C ILE B 113 6.67 6.64 9.38
N GLU B 114 7.93 6.45 9.01
CA GLU B 114 8.60 7.38 8.10
C GLU B 114 7.98 7.28 6.72
N ILE B 115 7.69 8.44 6.13
CA ILE B 115 6.97 8.51 4.86
C ILE B 115 7.79 9.35 3.89
N VAL B 116 7.86 8.92 2.64
CA VAL B 116 8.54 9.68 1.59
C VAL B 116 7.55 9.86 0.45
N LYS B 117 7.38 11.11 0.01
CA LYS B 117 6.60 11.41 -1.17
C LYS B 117 7.52 12.00 -2.22
N VAL B 118 7.35 11.55 -3.45
CA VAL B 118 8.28 11.89 -4.51
C VAL B 118 7.49 12.11 -5.80
N LYS B 119 7.98 13.06 -6.59
CA LYS B 119 7.53 13.27 -7.95
C LYS B 119 8.74 13.09 -8.86
N ALA B 120 8.62 12.19 -9.83
CA ALA B 120 9.72 11.86 -10.73
C ALA B 120 9.24 11.92 -12.16
N ILE B 121 10.19 12.06 -13.08
CA ILE B 121 9.91 12.19 -14.50
C ILE B 121 10.77 11.21 -15.28
N GLY B 122 10.19 10.58 -16.30
CA GLY B 122 10.94 9.63 -17.10
C GLY B 122 11.96 10.33 -17.98
N ARG B 123 13.15 9.73 -18.09
CA ARG B 123 14.26 10.37 -18.79
C ARG B 123 14.76 9.53 -19.96
N GLN B 124 15.36 8.37 -19.72
CA GLN B 124 15.99 7.60 -20.79
C GLN B 124 15.54 6.16 -20.73
N ARG B 125 15.12 5.61 -21.86
CA ARG B 125 14.70 4.22 -21.87
C ARG B 125 15.90 3.30 -22.04
N PHE B 126 15.74 2.06 -21.62
CA PHE B 126 16.85 1.12 -21.58
C PHE B 126 16.36 -0.28 -21.91
N LYS B 127 17.33 -1.14 -22.22
CA LYS B 127 17.11 -2.58 -22.30
C LYS B 127 17.80 -3.20 -21.09
N VAL B 128 17.13 -4.14 -20.44
CA VAL B 128 17.68 -4.76 -19.24
C VAL B 128 18.59 -5.89 -19.64
N LEU B 129 19.79 -5.92 -19.05
CA LEU B 129 20.72 -7.03 -19.22
C LEU B 129 20.69 -8.00 -18.06
N GLU B 130 20.41 -7.51 -16.86
CA GLU B 130 20.45 -8.35 -15.66
C GLU B 130 19.55 -7.74 -14.60
N LEU B 131 18.62 -8.53 -14.08
CA LEU B 131 17.89 -8.21 -12.86
C LEU B 131 18.42 -9.10 -11.74
N ARG B 132 18.84 -8.47 -10.64
CA ARG B 132 19.40 -9.22 -9.52
C ARG B 132 18.99 -8.58 -8.22
N THR B 133 18.44 -9.41 -7.32
CA THR B 133 18.01 -8.96 -6.00
C THR B 133 19.13 -9.20 -5.00
N GLN B 134 19.46 -8.16 -4.23
CA GLN B 134 20.53 -8.26 -3.25
C GLN B 134 20.07 -9.13 -2.07
N SER B 135 20.90 -9.18 -1.03
CA SER B 135 20.54 -9.95 0.15
C SER B 135 19.48 -9.25 0.98
N ASP B 136 19.47 -7.92 0.97
CA ASP B 136 18.49 -7.16 1.75
C ASP B 136 17.13 -7.07 1.08
N GLY B 137 17.01 -7.49 -0.18
CA GLY B 137 15.74 -7.52 -0.90
C GLY B 137 15.67 -6.55 -2.06
N ILE B 138 16.49 -5.50 -2.06
CA ILE B 138 16.44 -4.50 -3.11
C ILE B 138 16.86 -5.10 -4.45
N GLN B 139 16.15 -4.71 -5.51
CA GLN B 139 16.43 -5.16 -6.87
C GLN B 139 17.27 -4.11 -7.59
N GLN B 140 18.42 -4.53 -8.11
CA GLN B 140 19.24 -3.68 -8.95
C GLN B 140 19.17 -4.17 -10.39
N ALA B 141 19.06 -3.23 -11.32
CA ALA B 141 18.91 -3.54 -12.73
C ALA B 141 20.17 -3.12 -13.47
N LYS B 142 20.83 -4.08 -14.11
CA LYS B 142 21.91 -3.79 -15.03
C LYS B 142 21.28 -3.53 -16.40
N VAL B 143 21.38 -2.30 -16.88
CA VAL B 143 20.64 -1.87 -18.06
C VAL B 143 21.60 -1.21 -19.05
N GLN B 144 21.17 -1.20 -20.31
CA GLN B 144 21.88 -0.51 -21.38
C GLN B 144 21.00 0.64 -21.85
N ILE B 145 21.47 1.87 -21.64
CA ILE B 145 20.73 3.04 -22.11
C ILE B 145 20.61 2.97 -23.63
N LEU B 146 19.41 3.26 -24.13
CA LEU B 146 19.28 3.12 -25.56
C LEU B 146 19.42 4.46 -26.27
N PRO B 147 19.83 4.49 -27.53
CA PRO B 147 19.91 5.75 -28.25
C PRO B 147 18.56 6.18 -28.82
N GLU B 148 18.35 7.49 -28.82
CA GLU B 148 17.13 8.06 -29.37
C GLU B 148 17.16 8.07 -30.89
N ALA B 153 10.24 12.93 -40.66
CA ALA B 153 8.91 12.56 -41.12
C ALA B 153 7.85 13.37 -40.38
N GLU B 154 7.91 14.69 -40.52
CA GLU B 154 6.96 15.58 -39.84
C GLU B 154 5.59 15.47 -40.48
N THR B 155 5.48 14.65 -41.53
CA THR B 155 4.18 14.36 -42.12
C THR B 155 3.36 13.50 -41.17
N LEU B 156 3.96 12.42 -40.65
CA LEU B 156 3.27 11.61 -39.65
C LEU B 156 2.85 12.44 -38.46
N MET B 157 3.70 13.40 -38.06
CA MET B 157 3.41 14.24 -36.91
C MET B 157 2.12 15.05 -37.11
N ASP B 158 2.02 15.74 -38.25
CA ASP B 158 0.79 16.47 -38.56
C ASP B 158 -0.39 15.53 -38.73
N ARG B 159 -0.15 14.34 -39.27
CA ARG B 159 -1.22 13.36 -39.40
C ARG B 159 -1.71 12.90 -38.04
N ILE B 160 -0.78 12.61 -37.13
CA ILE B 160 -1.14 12.30 -35.74
C ILE B 160 -1.91 13.47 -35.13
N LYS B 161 -1.34 14.68 -35.21
CA LYS B 161 -1.98 15.85 -34.61
C LYS B 161 -3.37 16.11 -35.18
N LYS B 162 -3.58 15.81 -36.46
CA LYS B 162 -4.89 16.06 -37.07
C LYS B 162 -5.97 15.21 -36.42
N GLN B 163 -5.70 13.91 -36.26
CA GLN B 163 -6.69 13.04 -35.64
C GLN B 163 -6.81 13.26 -34.14
N LEU B 164 -5.77 13.80 -33.50
CA LEU B 164 -5.91 14.21 -32.10
C LEU B 164 -6.92 15.34 -31.95
N ARG B 165 -6.89 16.32 -32.86
CA ARG B 165 -7.84 17.42 -32.80
C ARG B 165 -9.26 16.94 -33.07
N GLU B 166 -9.42 15.95 -33.95
CA GLU B 166 -10.74 15.36 -34.19
C GLU B 166 -11.27 14.64 -32.96
N TRP B 167 -10.39 14.24 -32.03
CA TRP B 167 -10.85 13.66 -30.78
C TRP B 167 -11.17 14.75 -29.76
N ASP B 168 -10.24 15.68 -29.56
CA ASP B 168 -10.43 16.80 -28.65
C ASP B 168 -9.83 18.05 -29.27
N GLU B 169 -10.60 19.16 -29.23
CA GLU B 169 -10.17 20.38 -29.90
C GLU B 169 -8.92 20.96 -29.25
N ASN B 170 -8.81 20.88 -27.93
CA ASN B 170 -7.70 21.51 -27.23
C ASN B 170 -6.35 20.92 -27.63
N LEU B 171 -6.32 19.62 -27.91
CA LEU B 171 -5.10 18.98 -28.41
C LEU B 171 -4.71 19.60 -29.75
N LYS B 172 -4.00 20.73 -29.70
CA LYS B 172 -3.80 21.52 -30.91
C LYS B 172 -2.33 21.87 -31.13
N ASP B 173 -1.80 22.83 -30.38
CA ASP B 173 -0.47 23.34 -30.64
C ASP B 173 0.39 23.35 -29.39
N ASP B 174 0.17 24.33 -28.50
CA ASP B 174 0.98 24.44 -27.29
C ASP B 174 0.81 23.22 -26.39
N SER B 175 -0.33 22.55 -26.48
CA SER B 175 -0.55 21.33 -25.70
C SER B 175 0.27 20.14 -26.22
N LEU B 176 0.94 20.29 -27.36
CA LEU B 176 1.65 19.19 -27.99
C LEU B 176 3.09 19.59 -28.27
N PRO B 177 4.03 18.66 -28.09
CA PRO B 177 5.44 19.01 -28.31
C PRO B 177 5.76 19.18 -29.79
N SER B 178 6.76 20.01 -30.06
CA SER B 178 7.22 20.27 -31.42
C SER B 178 8.21 19.24 -31.91
N ASN B 179 8.96 18.63 -31.01
CA ASN B 179 10.03 17.70 -31.38
C ASN B 179 9.44 16.31 -31.65
N PRO B 180 9.83 15.65 -32.74
CA PRO B 180 9.24 14.33 -33.05
C PRO B 180 9.58 13.25 -32.04
N ILE B 181 10.74 13.32 -31.37
CA ILE B 181 11.04 12.36 -30.33
C ILE B 181 10.11 12.54 -29.14
N ASP B 182 10.07 13.77 -28.59
CA ASP B 182 9.17 14.06 -27.47
C ASP B 182 7.73 13.80 -27.85
N PHE B 183 7.36 14.09 -29.10
CA PHE B 183 5.97 13.91 -29.52
C PHE B 183 5.58 12.44 -29.54
N SER B 184 6.47 11.57 -30.04
CA SER B 184 6.18 10.15 -30.04
C SER B 184 6.01 9.62 -28.63
N TYR B 185 6.70 10.24 -27.66
CA TYR B 185 6.58 9.80 -26.28
C TYR B 185 5.34 10.39 -25.60
N TRP B 186 5.01 11.65 -25.95
CA TRP B 186 3.73 12.19 -25.51
C TRP B 186 2.57 11.34 -25.99
N VAL B 187 2.62 10.90 -27.25
CA VAL B 187 1.55 10.08 -27.81
C VAL B 187 1.54 8.71 -27.16
N ALA B 188 2.70 8.09 -26.99
CA ALA B 188 2.75 6.76 -26.38
C ALA B 188 2.17 6.76 -24.98
N ALA B 189 2.32 7.86 -24.25
CA ALA B 189 1.89 7.95 -22.87
C ALA B 189 0.43 8.36 -22.72
N ASN B 190 -0.20 8.88 -23.79
CA ASN B 190 -1.52 9.46 -23.68
C ASN B 190 -2.57 8.75 -24.53
N LEU B 191 -2.19 7.86 -25.43
CA LEU B 191 -3.16 7.08 -26.18
C LEU B 191 -3.88 6.11 -25.24
N PRO B 192 -5.18 5.88 -25.45
CA PRO B 192 -5.93 4.94 -24.61
C PRO B 192 -5.71 3.49 -25.02
N ILE B 193 -4.46 3.03 -24.89
CA ILE B 193 -4.06 1.72 -25.38
C ILE B 193 -3.71 0.84 -24.19
N ASP B 194 -3.71 -0.48 -24.44
CA ASP B 194 -3.40 -1.44 -23.39
C ASP B 194 -1.89 -1.51 -23.17
N ASP B 195 -1.49 -2.36 -22.21
CA ASP B 195 -0.07 -2.45 -21.85
C ASP B 195 0.75 -3.11 -22.95
N SER B 196 0.17 -4.06 -23.69
CA SER B 196 0.93 -4.72 -24.74
C SER B 196 1.33 -3.76 -25.84
N LEU B 197 0.48 -2.78 -26.15
CA LEU B 197 0.83 -1.79 -27.16
C LEU B 197 1.82 -0.77 -26.63
N ARG B 198 1.69 -0.40 -25.35
CA ARG B 198 2.68 0.49 -24.74
C ARG B 198 4.07 -0.12 -24.79
N ILE B 199 4.19 -1.42 -24.49
CA ILE B 199 5.49 -2.08 -24.54
C ILE B 199 6.00 -2.14 -25.98
N GLN B 200 5.10 -2.36 -26.93
CA GLN B 200 5.48 -2.37 -28.33
C GLN B 200 6.10 -1.04 -28.75
N LEU B 201 5.47 0.07 -28.36
CA LEU B 201 6.00 1.39 -28.70
C LEU B 201 7.32 1.66 -28.00
N LEU B 202 7.44 1.25 -26.74
CA LEU B 202 8.68 1.46 -26.01
C LEU B 202 9.84 0.67 -26.62
N LYS B 203 9.56 -0.53 -27.14
CA LYS B 203 10.60 -1.35 -27.75
C LYS B 203 11.18 -0.70 -29.00
N ILE B 204 10.40 0.16 -29.66
CA ILE B 204 10.81 0.73 -30.94
C ILE B 204 11.95 1.72 -30.70
N ASP B 205 13.03 1.58 -31.49
CA ASP B 205 14.22 2.39 -31.28
C ASP B 205 14.13 3.75 -31.95
N SER B 206 13.32 3.88 -33.00
CA SER B 206 13.34 5.06 -33.87
C SER B 206 12.02 5.83 -33.75
N ALA B 207 12.13 7.16 -33.74
CA ALA B 207 10.95 8.00 -33.55
C ALA B 207 10.01 7.92 -34.75
N ILE B 208 10.57 7.92 -35.97
CA ILE B 208 9.73 7.81 -37.16
C ILE B 208 8.96 6.49 -37.15
N GLN B 209 9.65 5.40 -36.78
CA GLN B 209 8.96 4.11 -36.64
C GLN B 209 7.91 4.17 -35.53
N ARG B 210 8.23 4.85 -34.43
CA ARG B 210 7.27 4.95 -33.33
C ARG B 210 6.02 5.71 -33.75
N LEU B 211 6.22 6.83 -34.44
CA LEU B 211 5.07 7.63 -34.90
C LEU B 211 4.20 6.85 -35.87
N ARG B 212 4.81 6.12 -36.80
CA ARG B 212 4.01 5.38 -37.78
C ARG B 212 3.27 4.22 -37.12
N CYS B 213 3.86 3.60 -36.11
CA CYS B 213 3.14 2.58 -35.34
C CYS B 213 1.97 3.20 -34.59
N GLU B 214 2.14 4.42 -34.07
CA GLU B 214 1.08 5.07 -33.32
C GLU B 214 -0.08 5.48 -34.23
N LEU B 215 0.23 5.90 -35.46
CA LEU B 215 -0.82 6.21 -36.41
C LEU B 215 -1.65 4.98 -36.74
N ASP B 216 -0.98 3.84 -36.94
CA ASP B 216 -1.70 2.59 -37.16
C ASP B 216 -2.57 2.24 -35.97
N ILE B 217 -2.07 2.43 -34.75
CA ILE B 217 -2.84 2.12 -33.56
C ILE B 217 -4.06 3.03 -33.45
N MET B 218 -3.87 4.34 -33.65
CA MET B 218 -5.00 5.27 -33.60
C MET B 218 -6.10 4.87 -34.57
N ASN B 219 -5.73 4.44 -35.77
CA ASN B 219 -6.73 4.06 -36.77
C ASN B 219 -7.51 2.83 -36.33
N LYS B 220 -6.87 1.91 -35.60
CA LYS B 220 -7.52 0.71 -35.11
C LYS B 220 -8.16 0.90 -33.74
N CYS B 221 -8.03 2.08 -33.14
CA CYS B 221 -8.64 2.33 -31.84
C CYS B 221 -10.15 2.17 -31.92
N THR B 222 -10.71 1.47 -30.94
CA THR B 222 -12.14 1.21 -30.93
C THR B 222 -12.82 1.92 -29.76
N SER B 223 -13.23 1.18 -28.74
CA SER B 223 -13.87 1.76 -27.57
C SER B 223 -13.35 1.07 -26.32
N LEU B 224 -13.75 1.62 -25.17
CA LEU B 224 -13.28 1.15 -23.86
C LEU B 224 -14.45 0.55 -23.10
N CYS B 225 -14.32 -0.72 -22.73
CA CYS B 225 -15.33 -1.43 -21.95
C CYS B 225 -14.83 -1.74 -20.55
N CYS B 226 -15.77 -1.95 -19.65
CA CYS B 226 -15.45 -2.37 -18.30
C CYS B 226 -14.81 -3.75 -18.33
N LYS B 227 -13.70 -3.91 -17.60
CA LYS B 227 -12.91 -5.13 -17.72
C LYS B 227 -13.67 -6.35 -17.22
N GLN B 228 -14.39 -6.21 -16.11
CA GLN B 228 -14.96 -7.38 -15.44
C GLN B 228 -15.96 -8.10 -16.33
N CYS B 229 -16.88 -7.36 -16.97
CA CYS B 229 -17.92 -7.96 -17.77
C CYS B 229 -17.76 -7.76 -19.27
N GLN B 230 -16.83 -6.89 -19.70
CA GLN B 230 -16.42 -6.79 -21.10
C GLN B 230 -17.52 -6.32 -22.05
N GLU B 231 -18.79 -6.50 -21.67
CA GLU B 231 -19.89 -6.26 -22.61
C GLU B 231 -20.21 -4.77 -22.73
N THR B 232 -20.16 -4.03 -21.63
CA THR B 232 -20.66 -2.66 -21.59
C THR B 232 -19.56 -1.67 -21.97
N GLU B 233 -19.81 -0.88 -23.01
CA GLU B 233 -18.96 0.27 -23.28
C GLU B 233 -19.10 1.31 -22.18
N ILE B 234 -18.01 2.01 -21.90
CA ILE B 234 -17.98 3.07 -20.93
C ILE B 234 -17.68 4.43 -21.57
N THR B 235 -16.70 4.48 -22.45
CA THR B 235 -16.37 5.72 -23.16
C THR B 235 -15.64 5.36 -24.44
N THR B 236 -15.25 6.39 -25.19
CA THR B 236 -14.62 6.20 -26.49
C THR B 236 -13.59 7.30 -26.70
N LYS B 237 -12.69 7.04 -27.66
CA LYS B 237 -11.59 7.97 -27.93
C LYS B 237 -12.08 9.38 -28.25
N ASN B 238 -13.23 9.50 -28.92
CA ASN B 238 -13.76 10.82 -29.28
C ASN B 238 -14.20 11.63 -28.08
N GLU B 239 -14.36 11.00 -26.92
CA GLU B 239 -14.77 11.70 -25.71
C GLU B 239 -13.59 12.17 -24.87
N ILE B 240 -12.37 11.82 -25.28
CA ILE B 240 -11.17 12.25 -24.56
C ILE B 240 -11.07 13.77 -24.59
N PHE B 241 -10.65 14.36 -23.47
CA PHE B 241 -10.25 15.76 -23.49
C PHE B 241 -9.32 16.03 -22.31
N SER B 242 -8.35 16.90 -22.56
CA SER B 242 -7.21 17.08 -21.67
C SER B 242 -7.44 18.26 -20.72
N LEU B 243 -7.29 18.01 -19.42
CA LEU B 243 -7.40 19.05 -18.41
C LEU B 243 -6.08 19.33 -17.71
N SER B 244 -4.99 18.70 -18.14
CA SER B 244 -3.67 19.00 -17.61
C SER B 244 -2.68 19.11 -18.76
N ARG B 245 -1.63 19.90 -18.54
CA ARG B 245 -0.56 20.01 -19.53
C ARG B 245 0.16 18.70 -19.77
N GLU B 246 0.07 17.75 -18.83
CA GLU B 246 0.57 16.40 -19.10
C GLU B 246 -0.12 15.75 -20.28
N GLY B 247 -1.38 16.09 -20.51
CA GLY B 247 -2.16 15.42 -21.52
C GLY B 247 -3.40 14.80 -20.91
N PRO B 248 -4.20 14.11 -21.73
CA PRO B 248 -5.44 13.51 -21.21
C PRO B 248 -5.20 12.37 -20.25
N MET B 249 -3.99 11.83 -20.18
CA MET B 249 -3.73 10.63 -19.40
C MET B 249 -2.61 10.93 -18.42
N ALA B 250 -2.83 10.61 -17.15
CA ALA B 250 -1.86 10.95 -16.12
C ALA B 250 -1.99 10.02 -14.93
N ALA B 251 -0.89 9.82 -14.23
CA ALA B 251 -0.86 9.02 -13.02
C ALA B 251 -0.99 9.91 -11.79
N TYR B 252 -1.80 9.47 -10.84
CA TYR B 252 -1.99 10.19 -9.59
C TYR B 252 -1.98 9.19 -8.44
N VAL B 253 -1.62 9.67 -7.25
CA VAL B 253 -1.52 8.85 -6.06
C VAL B 253 -2.78 9.04 -5.22
N ASN B 254 -3.37 7.93 -4.77
CA ASN B 254 -4.46 8.02 -3.80
C ASN B 254 -3.86 8.33 -2.44
N PRO B 255 -4.69 8.62 -1.43
CA PRO B 255 -4.13 8.99 -0.12
C PRO B 255 -3.29 7.92 0.54
N HIS B 256 -3.31 6.67 0.05
CA HIS B 256 -2.57 5.58 0.67
C HIS B 256 -1.35 5.13 -0.12
N GLY B 257 -0.97 5.86 -1.17
CA GLY B 257 0.22 5.53 -1.93
C GLY B 257 -0.01 4.71 -3.18
N TYR B 258 -1.24 4.29 -3.46
CA TYR B 258 -1.50 3.53 -4.67
C TYR B 258 -1.58 4.47 -5.87
N VAL B 259 -0.87 4.13 -6.94
CA VAL B 259 -0.81 4.97 -8.13
C VAL B 259 -1.87 4.51 -9.11
N HIS B 260 -2.72 5.44 -9.53
CA HIS B 260 -3.77 5.22 -10.51
C HIS B 260 -3.42 6.00 -11.77
N GLU B 261 -3.40 5.33 -12.92
CA GLU B 261 -3.39 6.01 -14.21
C GLU B 261 -4.82 6.21 -14.69
N ILE B 262 -5.21 7.46 -14.91
CA ILE B 262 -6.58 7.75 -15.27
C ILE B 262 -6.61 8.49 -16.60
N LEU B 263 -7.68 8.24 -17.35
CA LEU B 263 -7.98 8.96 -18.58
C LEU B 263 -9.17 9.89 -18.32
N THR B 264 -9.00 11.17 -18.62
CA THR B 264 -10.08 12.14 -18.46
C THR B 264 -10.91 12.20 -19.74
N VAL B 265 -12.24 12.09 -19.59
CA VAL B 265 -13.18 12.17 -20.70
C VAL B 265 -14.36 13.04 -20.29
N TYR B 266 -15.03 13.62 -21.28
CA TYR B 266 -16.14 14.51 -21.00
C TYR B 266 -17.42 13.75 -20.67
N LYS B 267 -17.62 12.58 -21.28
CA LYS B 267 -18.85 11.82 -21.14
C LYS B 267 -18.52 10.34 -20.97
N ALA B 268 -19.27 9.67 -20.11
CA ALA B 268 -19.16 8.23 -19.94
C ALA B 268 -20.56 7.64 -19.81
N CYS B 269 -20.72 6.41 -20.30
CA CYS B 269 -21.99 5.71 -20.26
C CYS B 269 -21.89 4.50 -19.33
N ASN B 270 -23.07 4.01 -18.93
CA ASN B 270 -23.21 2.80 -18.13
C ASN B 270 -22.49 2.90 -16.78
N LEU B 271 -22.48 4.09 -16.19
CA LEU B 271 -21.80 4.33 -14.92
C LEU B 271 -22.79 4.90 -13.90
N ASN B 272 -22.82 4.28 -12.72
CA ASN B 272 -23.51 4.83 -11.56
C ASN B 272 -22.49 5.46 -10.61
N LEU B 273 -22.99 6.33 -9.74
CA LEU B 273 -22.16 6.97 -8.73
C LEU B 273 -22.50 6.46 -7.34
N ILE B 274 -21.53 6.58 -6.43
CA ILE B 274 -21.65 6.05 -5.07
C ILE B 274 -21.50 7.22 -4.10
N GLY B 275 -22.60 7.60 -3.45
CA GLY B 275 -22.54 8.56 -2.37
C GLY B 275 -22.47 10.00 -2.84
N ARG B 276 -21.80 10.83 -2.03
CA ARG B 276 -21.77 12.27 -2.14
C ARG B 276 -20.37 12.76 -2.53
N PRO B 277 -20.28 13.82 -3.33
CA PRO B 277 -18.97 14.31 -3.78
C PRO B 277 -18.06 14.66 -2.61
N SER B 278 -16.75 14.54 -2.84
CA SER B 278 -15.73 14.84 -1.85
C SER B 278 -14.62 15.66 -2.48
N THR B 279 -14.06 16.59 -1.69
CA THR B 279 -12.96 17.42 -2.13
C THR B 279 -11.63 17.02 -1.49
N GLU B 280 -11.63 16.03 -0.61
CA GLU B 280 -10.39 15.61 0.05
C GLU B 280 -9.45 14.96 -0.95
N HIS B 281 -8.17 15.35 -0.89
CA HIS B 281 -7.10 14.72 -1.68
C HIS B 281 -7.41 14.75 -3.17
N SER B 282 -8.11 15.80 -3.62
CA SER B 282 -8.57 15.84 -5.00
C SER B 282 -7.42 16.09 -5.95
N TRP B 283 -7.38 15.33 -7.04
CA TRP B 283 -6.32 15.46 -8.02
C TRP B 283 -6.47 16.68 -8.91
N PHE B 284 -7.67 17.26 -8.98
CA PHE B 284 -7.95 18.43 -9.81
C PHE B 284 -8.51 19.50 -8.89
N PRO B 285 -7.66 20.41 -8.38
CA PRO B 285 -8.15 21.43 -7.46
C PRO B 285 -9.31 22.23 -8.04
N GLY B 286 -10.35 22.41 -7.23
CA GLY B 286 -11.57 23.03 -7.68
C GLY B 286 -12.67 22.06 -8.02
N TYR B 287 -12.37 20.77 -8.11
CA TYR B 287 -13.34 19.75 -8.43
C TYR B 287 -13.46 18.75 -7.28
N ALA B 288 -14.67 18.24 -7.10
CA ALA B 288 -14.94 17.16 -6.16
C ALA B 288 -15.11 15.85 -6.93
N TRP B 289 -14.88 14.74 -6.23
CA TRP B 289 -14.89 13.43 -6.88
C TRP B 289 -15.93 12.52 -6.25
N THR B 290 -16.48 11.63 -7.07
CA THR B 290 -17.40 10.59 -6.62
C THR B 290 -17.04 9.29 -7.32
N VAL B 291 -16.95 8.21 -6.56
CA VAL B 291 -16.64 6.91 -7.13
C VAL B 291 -17.69 6.55 -8.19
N ALA B 292 -17.22 6.13 -9.36
CA ALA B 292 -18.09 5.72 -10.46
C ALA B 292 -17.93 4.22 -10.68
N GLN B 293 -19.05 3.56 -11.00
CA GLN B 293 -19.03 2.11 -11.07
C GLN B 293 -19.94 1.63 -12.19
N CYS B 294 -19.62 0.45 -12.71
CA CYS B 294 -20.31 -0.11 -13.87
C CYS B 294 -21.77 -0.38 -13.55
N LYS B 295 -22.66 0.04 -14.46
CA LYS B 295 -24.09 -0.18 -14.25
C LYS B 295 -24.42 -1.66 -14.19
N ILE B 296 -23.71 -2.47 -14.98
CA ILE B 296 -24.04 -3.89 -15.08
C ILE B 296 -23.50 -4.68 -13.90
N CYS B 297 -22.20 -4.55 -13.61
CA CYS B 297 -21.55 -5.42 -12.63
C CYS B 297 -21.06 -4.69 -11.39
N ALA B 298 -21.34 -3.39 -11.25
CA ALA B 298 -21.02 -2.58 -10.08
C ALA B 298 -19.53 -2.44 -9.83
N SER B 299 -18.68 -2.85 -10.76
CA SER B 299 -17.24 -2.70 -10.57
C SER B 299 -16.85 -1.23 -10.58
N HIS B 300 -16.07 -0.82 -9.59
CA HIS B 300 -15.53 0.53 -9.57
C HIS B 300 -14.65 0.75 -10.80
N ILE B 301 -14.89 1.85 -11.49
CA ILE B 301 -14.23 2.14 -12.75
C ILE B 301 -13.34 3.38 -12.64
N GLY B 302 -13.80 4.39 -11.91
CA GLY B 302 -13.05 5.63 -11.78
C GLY B 302 -13.82 6.64 -10.97
N TRP B 303 -13.77 7.90 -11.37
CA TRP B 303 -14.42 8.96 -10.61
C TRP B 303 -15.07 9.96 -11.56
N LYS B 304 -16.24 10.44 -11.18
CA LYS B 304 -16.82 11.61 -11.81
C LYS B 304 -16.35 12.83 -11.03
N PHE B 305 -15.84 13.83 -11.74
CA PHE B 305 -15.39 15.06 -11.13
C PHE B 305 -16.42 16.15 -11.41
N THR B 306 -16.76 16.92 -10.37
CA THR B 306 -17.78 17.95 -10.48
C THR B 306 -17.24 19.24 -9.87
N ALA B 307 -17.40 20.34 -10.61
CA ALA B 307 -16.86 21.62 -10.15
C ALA B 307 -17.59 22.09 -8.90
N THR B 308 -16.85 22.78 -8.03
CA THR B 308 -17.39 23.33 -6.79
C THR B 308 -17.86 24.77 -6.95
N LYS B 309 -17.75 25.35 -8.15
CA LYS B 309 -18.20 26.71 -8.40
C LYS B 309 -18.93 26.74 -9.74
N LYS B 310 -19.95 27.59 -9.81
CA LYS B 310 -20.81 27.64 -11.00
C LYS B 310 -20.12 28.28 -12.20
N ASP B 311 -19.08 29.09 -11.98
CA ASP B 311 -18.40 29.75 -13.08
C ASP B 311 -17.29 28.90 -13.69
N MET B 312 -17.03 27.71 -13.16
CA MET B 312 -16.02 26.83 -13.74
C MET B 312 -16.58 26.07 -14.94
N SER B 313 -15.73 25.85 -15.93
CA SER B 313 -16.06 25.01 -17.06
C SER B 313 -14.81 24.17 -17.35
N PRO B 314 -14.96 22.85 -17.54
CA PRO B 314 -16.22 22.12 -17.53
C PRO B 314 -16.81 21.91 -16.12
N GLN B 315 -18.14 21.81 -16.03
CA GLN B 315 -18.76 21.57 -14.74
C GLN B 315 -18.66 20.11 -14.30
N LYS B 316 -18.46 19.18 -15.24
CA LYS B 316 -18.31 17.78 -14.90
C LYS B 316 -17.41 17.10 -15.92
N PHE B 317 -16.67 16.09 -15.46
CA PHE B 317 -15.91 15.21 -16.31
C PHE B 317 -15.58 13.95 -15.52
N TRP B 318 -15.01 12.97 -16.22
CA TRP B 318 -14.75 11.66 -15.63
C TRP B 318 -13.26 11.35 -15.71
N GLY B 319 -12.71 10.86 -14.60
CA GLY B 319 -11.37 10.30 -14.60
C GLY B 319 -11.45 8.80 -14.43
N LEU B 320 -11.20 8.04 -15.51
CA LEU B 320 -11.40 6.61 -15.54
C LEU B 320 -10.06 5.90 -15.51
N THR B 321 -9.89 4.95 -14.60
CA THR B 321 -8.63 4.24 -14.49
C THR B 321 -8.40 3.36 -15.71
N ARG B 322 -7.14 3.26 -16.13
CA ARG B 322 -6.79 2.33 -17.20
C ARG B 322 -7.03 0.89 -16.78
N SER B 323 -6.84 0.60 -15.49
CA SER B 323 -6.88 -0.78 -15.01
C SER B 323 -8.28 -1.39 -15.11
N ALA B 324 -9.32 -0.57 -14.99
CA ALA B 324 -10.68 -1.10 -15.04
C ALA B 324 -11.21 -1.27 -16.47
N LEU B 325 -10.46 -0.80 -17.48
CA LEU B 325 -10.96 -0.72 -18.85
C LEU B 325 -10.16 -1.63 -19.77
N ILE B 326 -10.86 -2.21 -20.74
CA ILE B 326 -10.23 -2.97 -21.83
C ILE B 326 -10.78 -2.45 -23.15
N PRO B 327 -10.07 -2.69 -24.25
CA PRO B 327 -10.59 -2.26 -25.56
C PRO B 327 -11.71 -3.17 -26.05
N THR B 328 -12.52 -2.62 -26.95
CA THR B 328 -13.51 -3.41 -27.67
C THR B 328 -12.87 -4.14 -28.83
C10 A1IJM C . -8.56 3.83 9.67
C13 A1IJM C . -8.91 2.95 10.87
C15 A1IJM C . -9.92 2.97 13.11
C01 A1IJM C . -7.16 9.46 3.82
C03 A1IJM C . -6.11 7.82 5.41
C05 A1IJM C . -6.21 6.51 6.20
C07 A1IJM C . -7.89 5.44 7.51
C08 A1IJM C . -9.22 5.18 7.80
C09 A1IJM C . -9.55 4.38 8.88
C11 A1IJM C . -7.22 4.10 9.38
C12 A1IJM C . -6.89 4.89 8.29
C14 A1IJM C . -9.48 3.77 11.95
C16 A1IJM C . -10.94 1.90 12.76
C19 A1IJM C . -9.85 1.85 10.36
N02 A1IJM C . -7.23 8.23 4.58
N18 A1IJM C . -10.86 1.39 11.36
O04 A1IJM C . -5.14 8.48 5.48
O06 A1IJM C . -7.58 6.25 6.40
O17 A1IJM C . -11.75 1.51 13.54
O20 A1IJM C . -9.79 1.39 9.27
ZN ZN D . 4.61 14.23 20.20
C10 A1IJM E . -9.10 8.59 -4.05
C13 A1IJM E . -8.87 9.54 -5.24
C15 A1IJM E . -9.93 10.97 -6.90
C01 A1IJM E . -11.75 3.20 1.51
C03 A1IJM E . -10.57 5.41 1.25
C05 A1IJM E . -10.10 6.55 0.35
C07 A1IJM E . -9.50 6.86 -1.92
C08 A1IJM E . -9.73 8.21 -1.76
C09 A1IJM E . -9.53 9.08 -2.82
C11 A1IJM E . -8.88 7.24 -4.21
C12 A1IJM E . -9.08 6.36 -3.15
C14 A1IJM E . -10.15 10.03 -5.79
C16 A1IJM E . -9.11 12.21 -6.51
C19 A1IJM E . -7.93 10.65 -4.75
N02 A1IJM E . -11.30 4.29 0.68
N18 A1IJM E . -8.13 11.97 -5.40
O04 A1IJM E . -10.37 5.45 2.42
O06 A1IJM E . -9.70 5.97 -0.86
O17 A1IJM E . -9.24 13.26 -7.02
O20 A1IJM E . -7.10 10.47 -3.93
ZN ZN F . -19.00 -4.17 -15.78
#